data_6F3S
#
_entry.id   6F3S
#
_cell.length_a   128.763
_cell.length_b   128.763
_cell.length_c   116.391
_cell.angle_alpha   90.00
_cell.angle_beta   90.00
_cell.angle_gamma   90.00
#
_symmetry.space_group_name_H-M   'P 43 21 2'
#
loop_
_entity.id
_entity.type
_entity.pdbx_description
1 polymer 'Glycogen phosphorylase, muscle form'
2 non-polymer "PYRIDOXAL-5'-PHOSPHATE"
3 non-polymer (2~{R},3~{S},4~{R},5~{R},6~{S})-2-(hydroxymethyl)-6-[5-(4-phenylphenyl)-4~{H}-1,2,4-triazol-3-yl]oxane-3,4,5-triol
4 water water
#
_entity_poly.entity_id   1
_entity_poly.type   'polypeptide(L)'
_entity_poly.pdbx_seq_one_letter_code
;MSRPLSDQEKRKQISVRGLAGVENVTELKKNFNRHLHFTLVKDRNVATPRDYYFALAHTVRDHLVGRWIRTQQHYYEKDP
KRIYYLSLEFYMGRTLQNTMVNLALENACDEATYQLGLDMEELEEIEEDAGLGNGGLGRLAACFLDSMATLGLAAYGYGI
RYEFGIFNQKICGGWQMEEADDWLRYGNPWEKARPEFTLPVHFYGRVEHTSQGAKWVDTQVVLAMPYDTPVPGYRNNVVN
TMRLWSAKAPNDFNLKDFNVGGYIQAVLDRNLAENISRVLYPNDNFFEGKELRLKQEYFVVAATLQDIIRRFKSSKFGCR
DPVRTNFDAFPDKVAIQLNDTHPSLAIPELMRVLVDLERLDWDKAWEVTVKTCAYTNHTVLPEALERWPVHLLETLLPRH
LQIIYEINQRFLNRVAAAFPGDVDRLRRMSLVEEGAVKRINMAHLCIAGSHAVNGVARIHSEILKKTIFKDFYELEPHKF
QNKTNGITPRRWLVLCNPGLAEIIAERIGEEYISDLDQLRKLLSYVDDEAFIRDVAKVKQENKLKFAAYLEREYKVHINP
NSLFDVQVKRIHEYKRQLLNCLHVITLYNRIKKEPNKFVVPRTVMIGGKAAPGYHMAKMIIKLITAIGDVVNHDPVVGDR
LRVIFLENYRVSLAEKVIPAADLSEQISTAGTEASGTGNMKFMLNGALTIGTMDGANVEMAEEAGEENFFIFGMRVEDVD
RLDQRGYNAQEYYDRIPELRQIIEQLSSGFFSPKQPDLFKDIVNMLMHHDRFKVFADYEEYVKCQERVSALYKNPREWTR
MVIRNIATSGKFSSDRTIAQYAREIWGVEPSRQRLPAPDEKIP
;
_entity_poly.pdbx_strand_id   A
#
loop_
_chem_comp.id
_chem_comp.type
_chem_comp.name
_chem_comp.formula
CKW non-polymer (2~{R},3~{S},4~{R},5~{R},6~{S})-2-(hydroxymethyl)-6-[5-(4-phenylphenyl)-4~{H}-1,2,4-triazol-3-yl]oxane-3,4,5-triol 'C20 H21 N3 O5'
PLP non-polymer PYRIDOXAL-5'-PHOSPHATE 'C8 H10 N O6 P'
#
# COMPACT_ATOMS: atom_id res chain seq x y z
N GLN A 13 -28.16 1.35 -15.66
CA GLN A 13 -28.50 2.69 -15.04
C GLN A 13 -27.55 3.80 -15.55
N ILE A 14 -26.23 3.67 -15.30
CA ILE A 14 -25.18 4.60 -15.79
C ILE A 14 -24.22 3.90 -16.79
N SER A 15 -23.78 4.65 -17.81
CA SER A 15 -23.11 4.06 -19.00
C SER A 15 -21.77 3.38 -18.75
N VAL A 16 -20.90 3.96 -17.92
CA VAL A 16 -19.58 3.37 -17.62
C VAL A 16 -19.65 1.97 -16.96
N ARG A 17 -20.83 1.59 -16.43
CA ARG A 17 -21.05 0.26 -15.84
C ARG A 17 -21.41 -0.86 -16.84
N GLY A 18 -21.54 -0.49 -18.13
CA GLY A 18 -21.68 -1.47 -19.22
C GLY A 18 -23.12 -1.78 -19.57
N LEU A 19 -23.31 -2.77 -20.44
CA LEU A 19 -24.63 -3.15 -20.96
C LEU A 19 -25.33 -4.22 -20.13
N ALA A 20 -26.65 -4.13 -20.03
CA ALA A 20 -27.48 -5.13 -19.38
C ALA A 20 -28.40 -5.76 -20.44
N GLY A 21 -27.82 -6.56 -21.33
CA GLY A 21 -28.58 -7.22 -22.39
C GLY A 21 -29.45 -8.37 -21.87
N VAL A 22 -30.63 -8.53 -22.46
CA VAL A 22 -31.62 -9.52 -21.99
C VAL A 22 -31.03 -10.93 -21.81
N GLU A 23 -30.15 -11.32 -22.74
CA GLU A 23 -29.58 -12.66 -22.76
C GLU A 23 -28.57 -12.85 -21.63
N ASN A 24 -27.68 -11.87 -21.48
CA ASN A 24 -26.76 -11.85 -20.36
C ASN A 24 -27.45 -11.87 -19.01
N VAL A 25 -28.46 -11.02 -18.83
CA VAL A 25 -29.21 -10.98 -17.55
C VAL A 25 -29.88 -12.32 -17.24
N THR A 26 -30.50 -12.93 -18.26
CA THR A 26 -31.17 -14.22 -18.12
C THR A 26 -30.18 -15.33 -17.66
N GLU A 27 -29.01 -15.34 -18.29
CA GLU A 27 -27.96 -16.31 -17.99
C GLU A 27 -27.37 -16.15 -16.58
N LEU A 28 -27.09 -14.91 -16.21
CA LEU A 28 -26.63 -14.59 -14.86
C LEU A 28 -27.64 -15.06 -13.81
N LYS A 29 -28.94 -14.81 -14.04
CA LYS A 29 -30.00 -15.27 -13.09
C LYS A 29 -30.04 -16.80 -12.92
N LYS A 30 -29.94 -17.49 -14.05
CA LYS A 30 -29.87 -18.93 -14.07
C LYS A 30 -28.66 -19.51 -13.30
N ASN A 31 -27.48 -18.98 -13.56
CA ASN A 31 -26.26 -19.42 -12.86
C ASN A 31 -26.23 -19.05 -11.37
N PHE A 32 -26.81 -17.92 -11.01
CA PHE A 32 -26.97 -17.53 -9.61
C PHE A 32 -27.81 -18.60 -8.88
N ASN A 33 -28.95 -18.95 -9.44
CA ASN A 33 -29.80 -19.98 -8.84
C ASN A 33 -29.11 -21.35 -8.82
N ARG A 34 -28.33 -21.67 -9.84
CA ARG A 34 -27.57 -22.92 -9.87
C ARG A 34 -26.58 -22.96 -8.69
N HIS A 35 -25.80 -21.89 -8.51
CA HIS A 35 -24.85 -21.84 -7.40
C HIS A 35 -25.52 -21.84 -6.02
N LEU A 36 -26.68 -21.18 -5.90
CA LEU A 36 -27.40 -21.19 -4.63
C LEU A 36 -27.76 -22.62 -4.22
N HIS A 37 -28.31 -23.38 -5.18
CA HIS A 37 -28.75 -24.75 -4.98
C HIS A 37 -27.55 -25.71 -4.87
N PHE A 38 -26.72 -25.82 -5.91
CA PHE A 38 -25.66 -26.85 -5.94
C PHE A 38 -24.39 -26.53 -5.18
N THR A 39 -23.96 -25.27 -5.20
CA THR A 39 -22.73 -24.89 -4.55
C THR A 39 -22.96 -24.61 -3.08
N LEU A 40 -23.99 -23.86 -2.75
CA LEU A 40 -24.22 -23.48 -1.37
C LEU A 40 -25.14 -24.43 -0.63
N VAL A 41 -25.92 -25.24 -1.35
CA VAL A 41 -26.83 -26.20 -0.75
C VAL A 41 -27.87 -25.51 0.13
N LYS A 42 -28.48 -24.45 -0.42
CA LYS A 42 -29.57 -23.73 0.22
C LYS A 42 -30.73 -23.61 -0.76
N ASP A 43 -31.94 -23.41 -0.24
CA ASP A 43 -33.04 -22.88 -1.05
C ASP A 43 -33.31 -21.45 -0.60
N ARG A 44 -34.14 -20.75 -1.33
CA ARG A 44 -34.44 -19.34 -1.06
C ARG A 44 -35.19 -19.10 0.26
N ASN A 45 -35.78 -20.14 0.86
CA ASN A 45 -36.45 -20.01 2.17
C ASN A 45 -35.47 -19.89 3.35
N VAL A 46 -34.30 -20.52 3.24
CA VAL A 46 -33.31 -20.51 4.33
C VAL A 46 -32.08 -19.64 4.04
N ALA A 47 -31.99 -19.06 2.84
CA ALA A 47 -30.78 -18.34 2.44
C ALA A 47 -30.67 -17.00 3.16
N THR A 48 -29.47 -16.69 3.63
CA THR A 48 -29.15 -15.40 4.26
C THR A 48 -28.50 -14.48 3.23
N PRO A 49 -28.39 -13.18 3.55
CA PRO A 49 -27.66 -12.30 2.65
C PRO A 49 -26.25 -12.77 2.31
N ARG A 50 -25.57 -13.42 3.26
CA ARG A 50 -24.24 -13.94 3.00
C ARG A 50 -24.25 -15.05 1.94
N ASP A 51 -25.27 -15.90 1.97
CA ASP A 51 -25.43 -16.94 0.94
C ASP A 51 -25.61 -16.31 -0.43
N TYR A 52 -26.39 -15.23 -0.49
CA TYR A 52 -26.60 -14.50 -1.74
C TYR A 52 -25.33 -13.85 -2.27
N TYR A 53 -24.52 -13.28 -1.38
CA TYR A 53 -23.22 -12.81 -1.76
C TYR A 53 -22.37 -13.94 -2.39
N PHE A 54 -22.28 -15.09 -1.73
CA PHE A 54 -21.49 -16.19 -2.28
C PHE A 54 -22.00 -16.70 -3.63
N ALA A 55 -23.31 -16.77 -3.79
CA ALA A 55 -23.92 -17.21 -5.05
C ALA A 55 -23.53 -16.23 -6.17
N LEU A 56 -23.53 -14.93 -5.86
CA LEU A 56 -23.12 -13.93 -6.85
C LEU A 56 -21.63 -14.04 -7.16
N ALA A 57 -20.81 -14.18 -6.13
CA ALA A 57 -19.37 -14.31 -6.31
C ALA A 57 -18.97 -15.53 -7.17
N HIS A 58 -19.60 -16.68 -6.91
CA HIS A 58 -19.36 -17.84 -7.77
C HIS A 58 -19.85 -17.62 -9.22
N THR A 59 -20.94 -16.90 -9.37
CA THR A 59 -21.48 -16.60 -10.70
C THR A 59 -20.48 -15.75 -11.48
N VAL A 60 -19.93 -14.73 -10.83
CA VAL A 60 -18.97 -13.84 -11.49
C VAL A 60 -17.61 -14.53 -11.74
N ARG A 61 -17.17 -15.33 -10.77
CA ARG A 61 -15.95 -16.09 -10.93
C ARG A 61 -15.98 -17.00 -12.14
N ASP A 62 -17.12 -17.64 -12.42
CA ASP A 62 -17.25 -18.49 -13.60
C ASP A 62 -16.88 -17.77 -14.91
N HIS A 63 -17.20 -16.48 -15.01
CA HIS A 63 -16.79 -15.65 -16.19
C HIS A 63 -15.29 -15.38 -16.33
N LEU A 64 -14.53 -15.51 -15.24
CA LEU A 64 -13.07 -15.38 -15.27
C LEU A 64 -12.38 -16.61 -15.82
N VAL A 65 -12.97 -17.78 -15.62
CA VAL A 65 -12.22 -19.04 -15.76
C VAL A 65 -11.69 -19.30 -17.14
N GLY A 66 -12.56 -19.14 -18.14
CA GLY A 66 -12.19 -19.37 -19.53
C GLY A 66 -11.05 -18.46 -19.95
N ARG A 67 -11.18 -17.20 -19.57
CA ARG A 67 -10.16 -16.19 -19.84
C ARG A 67 -8.82 -16.48 -19.13
N TRP A 68 -8.89 -16.94 -17.89
CA TRP A 68 -7.72 -17.32 -17.11
C TRP A 68 -6.96 -18.47 -17.76
N ILE A 69 -7.68 -19.51 -18.12
CA ILE A 69 -7.10 -20.67 -18.80
C ILE A 69 -6.48 -20.26 -20.13
N ARG A 70 -7.22 -19.46 -20.90
CA ARG A 70 -6.77 -19.05 -22.24
C ARG A 70 -5.56 -18.12 -22.15
N THR A 71 -5.56 -17.22 -21.17
CA THR A 71 -4.39 -16.33 -20.96
C THR A 71 -3.12 -17.16 -20.68
N GLN A 72 -3.21 -18.11 -19.76
CA GLN A 72 -2.02 -18.90 -19.37
C GLN A 72 -1.54 -19.79 -20.52
N GLN A 73 -2.49 -20.29 -21.31
CA GLN A 73 -2.17 -21.06 -22.53
C GLN A 73 -1.42 -20.17 -23.54
N HIS A 74 -1.94 -18.96 -23.75
CA HIS A 74 -1.30 -17.96 -24.62
C HIS A 74 0.15 -17.69 -24.22
N TYR A 75 0.42 -17.54 -22.92
CA TYR A 75 1.81 -17.30 -22.48
C TYR A 75 2.69 -18.52 -22.72
N TYR A 76 2.15 -19.70 -22.50
CA TYR A 76 2.88 -20.92 -22.83
C TYR A 76 3.29 -20.97 -24.32
N GLU A 77 2.39 -20.61 -25.22
CA GLU A 77 2.64 -20.69 -26.67
C GLU A 77 3.58 -19.62 -27.18
N LYS A 78 3.34 -18.37 -26.78
CA LYS A 78 4.18 -17.24 -27.21
C LYS A 78 5.51 -17.14 -26.44
N ASP A 79 5.58 -17.68 -25.22
CA ASP A 79 6.80 -17.63 -24.39
C ASP A 79 7.42 -16.22 -24.28
N PRO A 80 6.63 -15.21 -23.86
CA PRO A 80 7.18 -13.87 -23.68
C PRO A 80 8.08 -13.87 -22.45
N LYS A 81 8.84 -12.80 -22.28
CA LYS A 81 9.55 -12.59 -21.01
C LYS A 81 8.54 -12.47 -19.87
N ARG A 82 8.78 -13.17 -18.77
CA ARG A 82 7.86 -13.18 -17.63
C ARG A 82 8.38 -12.27 -16.52
N ILE A 83 7.46 -11.54 -15.92
CA ILE A 83 7.75 -10.56 -14.87
C ILE A 83 7.22 -11.14 -13.56
N TYR A 84 8.12 -11.26 -12.59
CA TYR A 84 7.77 -11.78 -11.26
C TYR A 84 7.91 -10.69 -10.23
N TYR A 85 6.78 -10.30 -9.66
CA TYR A 85 6.73 -9.22 -8.69
C TYR A 85 6.65 -9.84 -7.30
N LEU A 86 7.76 -9.78 -6.56
CA LEU A 86 7.88 -10.45 -5.27
C LEU A 86 7.63 -9.44 -4.14
N SER A 87 6.65 -9.74 -3.29
CA SER A 87 6.23 -8.85 -2.23
C SER A 87 5.78 -9.64 -1.01
N LEU A 88 6.09 -9.12 0.18
CA LEU A 88 5.57 -9.73 1.39
C LEU A 88 4.14 -9.23 1.69
N GLU A 89 3.67 -8.28 0.90
CA GLU A 89 2.33 -7.68 1.11
C GLU A 89 1.60 -7.45 -0.21
N PHE A 90 0.33 -7.83 -0.23
CA PHE A 90 -0.60 -7.51 -1.32
C PHE A 90 -1.89 -7.08 -0.67
N TYR A 91 -2.16 -5.77 -0.66
CA TYR A 91 -3.33 -5.24 0.04
C TYR A 91 -4.46 -5.10 -0.98
N MET A 92 -5.18 -6.21 -1.18
CA MET A 92 -6.11 -6.37 -2.31
C MET A 92 -7.47 -5.73 -2.09
N GLY A 93 -7.94 -5.69 -0.84
CA GLY A 93 -9.30 -5.27 -0.53
C GLY A 93 -10.32 -6.29 -1.05
N ARG A 94 -11.51 -5.84 -1.38
CA ARG A 94 -12.56 -6.70 -1.96
C ARG A 94 -12.36 -6.90 -3.44
N THR A 95 -12.86 -8.03 -3.94
CA THR A 95 -12.65 -8.49 -5.32
C THR A 95 -13.92 -8.48 -6.19
N LEU A 96 -15.11 -8.58 -5.60
CA LEU A 96 -16.34 -8.77 -6.39
C LEU A 96 -16.59 -7.61 -7.36
N GLN A 97 -16.65 -6.39 -6.83
CA GLN A 97 -16.96 -5.23 -7.67
C GLN A 97 -15.86 -4.98 -8.69
N ASN A 98 -14.61 -5.13 -8.28
CA ASN A 98 -13.48 -4.94 -9.20
C ASN A 98 -13.51 -5.91 -10.38
N THR A 99 -13.90 -7.16 -10.11
CA THR A 99 -14.03 -8.16 -11.17
C THR A 99 -15.16 -7.77 -12.17
N MET A 100 -16.31 -7.35 -11.65
CA MET A 100 -17.42 -6.91 -12.48
C MET A 100 -17.02 -5.72 -13.35
N VAL A 101 -16.35 -4.74 -12.76
CA VAL A 101 -15.85 -3.56 -13.50
C VAL A 101 -14.93 -3.99 -14.67
N ASN A 102 -13.95 -4.84 -14.38
CA ASN A 102 -12.96 -5.24 -15.39
C ASN A 102 -13.51 -6.16 -16.47
N LEU A 103 -14.62 -6.84 -16.19
CA LEU A 103 -15.28 -7.69 -17.21
C LEU A 103 -16.52 -7.04 -17.83
N ALA A 104 -16.82 -5.81 -17.47
CA ALA A 104 -17.96 -5.04 -17.99
C ALA A 104 -19.30 -5.68 -17.64
N LEU A 105 -19.38 -6.26 -16.44
CA LEU A 105 -20.57 -7.01 -15.98
C LEU A 105 -21.42 -6.27 -14.94
N GLU A 106 -21.01 -5.07 -14.55
CA GLU A 106 -21.63 -4.44 -13.38
C GLU A 106 -23.13 -4.19 -13.58
N ASN A 107 -23.53 -3.60 -14.71
CA ASN A 107 -24.96 -3.29 -14.93
C ASN A 107 -25.78 -4.57 -15.08
N ALA A 108 -25.23 -5.58 -15.76
CA ALA A 108 -25.92 -6.85 -15.96
C ALA A 108 -26.18 -7.55 -14.63
N CYS A 109 -25.15 -7.58 -13.76
CA CYS A 109 -25.31 -8.17 -12.43
C CYS A 109 -26.30 -7.39 -11.56
N ASP A 110 -26.27 -6.06 -11.68
CA ASP A 110 -27.21 -5.21 -10.95
C ASP A 110 -28.64 -5.52 -11.34
N GLU A 111 -28.88 -5.61 -12.65
CA GLU A 111 -30.19 -5.93 -13.19
C GLU A 111 -30.63 -7.35 -12.82
N ALA A 112 -29.73 -8.31 -12.96
CA ALA A 112 -30.03 -9.71 -12.63
C ALA A 112 -30.44 -9.85 -11.15
N THR A 113 -29.65 -9.27 -10.25
CA THR A 113 -29.95 -9.33 -8.83
C THR A 113 -31.23 -8.55 -8.47
N TYR A 114 -31.41 -7.37 -9.05
CA TYR A 114 -32.65 -6.60 -8.87
C TYR A 114 -33.89 -7.44 -9.23
N GLN A 115 -33.84 -8.15 -10.36
CA GLN A 115 -34.93 -9.03 -10.77
C GLN A 115 -35.18 -10.22 -9.83
N LEU A 116 -34.16 -10.64 -9.12
CA LEU A 116 -34.29 -11.67 -8.09
C LEU A 116 -34.70 -11.13 -6.70
N GLY A 117 -34.94 -9.82 -6.58
CA GLY A 117 -35.41 -9.18 -5.35
C GLY A 117 -34.30 -8.82 -4.38
N LEU A 118 -33.09 -8.62 -4.90
CA LEU A 118 -31.89 -8.38 -4.07
C LEU A 118 -31.22 -7.09 -4.48
N ASP A 119 -30.56 -6.46 -3.51
CA ASP A 119 -29.81 -5.23 -3.71
C ASP A 119 -28.32 -5.58 -3.74
N MET A 120 -27.71 -5.41 -4.91
CA MET A 120 -26.33 -5.79 -5.10
C MET A 120 -25.34 -5.03 -4.21
N GLU A 121 -25.62 -3.76 -3.92
CA GLU A 121 -24.72 -2.98 -3.06
C GLU A 121 -24.66 -3.52 -1.65
N GLU A 122 -25.79 -4.02 -1.17
CA GLU A 122 -25.87 -4.69 0.14
C GLU A 122 -25.08 -6.01 0.15
N LEU A 123 -25.15 -6.76 -0.95
CA LEU A 123 -24.35 -7.99 -1.09
C LEU A 123 -22.85 -7.70 -1.15
N GLU A 124 -22.45 -6.63 -1.85
CA GLU A 124 -21.04 -6.23 -1.90
C GLU A 124 -20.40 -5.95 -0.51
N GLU A 125 -21.22 -5.41 0.39
CA GLU A 125 -20.77 -5.08 1.74
C GLU A 125 -20.48 -6.28 2.60
N ILE A 126 -20.94 -7.46 2.20
CA ILE A 126 -20.68 -8.67 2.95
C ILE A 126 -19.25 -9.19 2.79
N GLU A 127 -18.62 -8.91 1.66
CA GLU A 127 -17.30 -9.48 1.36
C GLU A 127 -16.24 -8.92 2.33
N GLU A 128 -15.36 -9.78 2.84
CA GLU A 128 -14.23 -9.35 3.68
C GLU A 128 -13.16 -8.71 2.79
N ASP A 129 -12.50 -7.64 3.23
CA ASP A 129 -11.21 -7.24 2.60
C ASP A 129 -10.19 -8.33 2.70
N ALA A 130 -9.46 -8.57 1.61
CA ALA A 130 -8.23 -9.31 1.72
C ALA A 130 -7.18 -8.28 2.19
N GLY A 131 -6.92 -8.28 3.49
CA GLY A 131 -6.06 -7.31 4.14
C GLY A 131 -4.66 -7.78 4.33
N LEU A 132 -4.01 -8.23 3.25
CA LEU A 132 -2.69 -8.83 3.37
C LEU A 132 -1.57 -7.79 3.21
N GLY A 133 -1.79 -6.60 3.75
CA GLY A 133 -0.76 -5.57 3.76
C GLY A 133 -1.03 -4.55 4.84
N ASN A 134 -0.06 -3.67 5.06
CA ASN A 134 -0.12 -2.68 6.14
C ASN A 134 -0.67 -1.33 5.69
N GLY A 135 -0.38 -0.97 4.45
CA GLY A 135 -0.74 0.36 3.97
C GLY A 135 -0.27 0.53 2.57
N GLY A 136 0.51 1.59 2.34
CA GLY A 136 0.84 2.04 1.00
C GLY A 136 1.67 1.07 0.15
N LEU A 137 2.64 0.43 0.79
CA LEU A 137 3.51 -0.51 0.08
C LEU A 137 2.71 -1.71 -0.42
N GLY A 138 1.87 -2.28 0.44
CA GLY A 138 1.02 -3.41 0.03
C GLY A 138 -0.04 -3.01 -0.97
N ARG A 139 -0.57 -1.80 -0.82
CA ARG A 139 -1.59 -1.35 -1.78
C ARG A 139 -0.99 -1.06 -3.14
N LEU A 140 0.24 -0.57 -3.17
CA LEU A 140 0.96 -0.31 -4.41
C LEU A 140 1.12 -1.60 -5.19
N ALA A 141 1.47 -2.68 -4.49
CA ALA A 141 1.56 -3.98 -5.11
C ALA A 141 0.25 -4.40 -5.77
N ALA A 142 -0.87 -4.13 -5.10
CA ALA A 142 -2.18 -4.44 -5.67
C ALA A 142 -2.55 -3.61 -6.91
N CYS A 143 -2.29 -2.30 -6.87
CA CYS A 143 -2.48 -1.44 -8.03
C CYS A 143 -1.61 -1.89 -9.20
N PHE A 144 -0.36 -2.23 -8.90
CA PHE A 144 0.56 -2.73 -9.91
C PHE A 144 0.07 -3.99 -10.61
N LEU A 145 -0.49 -4.94 -9.86
CA LEU A 145 -1.02 -6.15 -10.49
C LEU A 145 -2.14 -5.82 -11.48
N ASP A 146 -3.03 -4.90 -11.09
CA ASP A 146 -4.12 -4.45 -11.93
C ASP A 146 -3.58 -3.81 -13.24
N SER A 147 -2.59 -2.93 -13.11
CA SER A 147 -1.99 -2.29 -14.25
C SER A 147 -1.23 -3.25 -15.17
N MET A 148 -0.52 -4.21 -14.59
CA MET A 148 0.21 -5.19 -15.41
C MET A 148 -0.72 -6.04 -16.29
N ALA A 149 -1.86 -6.43 -15.74
CA ALA A 149 -2.88 -7.18 -16.48
C ALA A 149 -3.53 -6.32 -17.56
N THR A 150 -3.82 -5.06 -17.21
CA THR A 150 -4.40 -4.12 -18.15
C THR A 150 -3.45 -3.79 -19.31
N LEU A 151 -2.15 -3.83 -19.06
CA LEU A 151 -1.15 -3.62 -20.09
C LEU A 151 -0.64 -4.88 -20.78
N GLY A 152 -1.30 -6.00 -20.53
CA GLY A 152 -1.01 -7.25 -21.26
C GLY A 152 0.35 -7.84 -20.98
N LEU A 153 0.91 -7.59 -19.79
CA LEU A 153 2.22 -8.15 -19.45
C LEU A 153 2.06 -9.52 -18.84
N ALA A 154 2.99 -10.42 -19.16
CA ALA A 154 2.98 -11.78 -18.61
C ALA A 154 3.55 -11.74 -17.18
N ALA A 155 2.72 -11.28 -16.25
CA ALA A 155 3.17 -10.92 -14.91
C ALA A 155 2.55 -11.80 -13.85
N TYR A 156 3.36 -12.14 -12.85
CA TYR A 156 2.92 -12.96 -11.72
C TYR A 156 3.26 -12.25 -10.44
N GLY A 157 2.29 -12.11 -9.55
CA GLY A 157 2.56 -11.64 -8.20
C GLY A 157 2.79 -12.83 -7.31
N TYR A 158 3.85 -12.80 -6.50
CA TYR A 158 4.18 -13.88 -5.58
C TYR A 158 4.32 -13.33 -4.18
N GLY A 159 3.65 -13.99 -3.25
CA GLY A 159 3.67 -13.62 -1.84
C GLY A 159 3.27 -14.74 -0.90
N ILE A 160 2.82 -14.36 0.29
CA ILE A 160 2.39 -15.30 1.33
C ILE A 160 0.91 -15.16 1.60
N ARG A 161 0.24 -16.29 1.73
CA ARG A 161 -1.18 -16.31 2.09
C ARG A 161 -1.27 -16.31 3.62
N TYR A 162 -1.30 -15.14 4.22
CA TYR A 162 -1.41 -15.05 5.67
C TYR A 162 -2.81 -15.50 6.07
N GLU A 163 -2.89 -16.35 7.09
CA GLU A 163 -4.19 -16.74 7.64
C GLU A 163 -4.92 -15.54 8.30
N PHE A 164 -4.13 -14.66 8.90
CA PHE A 164 -4.58 -13.43 9.55
C PHE A 164 -3.85 -12.23 8.93
N GLY A 165 -4.63 -11.33 8.36
CA GLY A 165 -4.10 -10.12 7.74
C GLY A 165 -3.94 -9.04 8.78
N ILE A 166 -3.94 -7.78 8.30
CA ILE A 166 -3.82 -6.65 9.24
C ILE A 166 -5.00 -6.71 10.23
N PHE A 167 -4.71 -6.54 11.51
CA PHE A 167 -5.74 -6.62 12.55
C PHE A 167 -6.93 -5.68 12.32
N ASN A 168 -8.10 -6.09 12.78
CA ASN A 168 -9.26 -5.22 12.89
C ASN A 168 -9.09 -4.33 14.10
N GLN A 169 -9.24 -3.03 13.89
CA GLN A 169 -9.14 -2.02 14.95
C GLN A 169 -10.49 -1.71 15.54
N LYS A 170 -10.58 -1.83 16.86
CA LYS A 170 -11.71 -1.38 17.66
C LYS A 170 -11.20 -0.26 18.54
N ILE A 171 -12.04 0.73 18.79
CA ILE A 171 -11.74 1.81 19.73
C ILE A 171 -12.59 1.59 20.99
N CYS A 172 -11.92 1.40 22.13
CA CYS A 172 -12.58 1.18 23.42
CA CYS A 172 -12.58 1.17 23.42
C CYS A 172 -12.09 2.23 24.41
N GLY A 173 -12.99 3.07 24.90
CA GLY A 173 -12.62 4.16 25.82
C GLY A 173 -11.65 5.14 25.18
N GLY A 174 -11.76 5.30 23.86
CA GLY A 174 -10.80 6.09 23.09
C GLY A 174 -9.45 5.48 22.76
N TRP A 175 -9.22 4.21 23.13
CA TRP A 175 -7.95 3.53 22.88
C TRP A 175 -8.12 2.47 21.79
N GLN A 176 -7.06 2.28 20.99
CA GLN A 176 -7.02 1.16 20.05
C GLN A 176 -6.93 -0.19 20.77
N MET A 177 -7.81 -1.11 20.39
CA MET A 177 -7.73 -2.52 20.74
C MET A 177 -7.59 -3.26 19.39
N GLU A 178 -6.82 -4.33 19.38
CA GLU A 178 -6.61 -5.13 18.16
C GLU A 178 -7.39 -6.43 18.23
N GLU A 179 -8.02 -6.83 17.13
CA GLU A 179 -8.54 -8.18 17.07
C GLU A 179 -8.17 -8.86 15.79
N ALA A 180 -8.05 -10.17 15.86
CA ALA A 180 -7.57 -10.98 14.73
C ALA A 180 -8.51 -10.82 13.55
N ASP A 181 -7.91 -10.72 12.37
CA ASP A 181 -8.64 -10.56 11.11
C ASP A 181 -8.76 -11.95 10.50
N ASP A 182 -9.80 -12.66 10.90
CA ASP A 182 -10.03 -14.04 10.49
C ASP A 182 -10.77 -14.03 9.15
N TRP A 183 -10.09 -13.52 8.13
CA TRP A 183 -10.69 -13.22 6.83
C TRP A 183 -11.11 -14.46 6.03
N LEU A 184 -10.56 -15.63 6.37
CA LEU A 184 -10.88 -16.87 5.68
C LEU A 184 -12.01 -17.67 6.31
N ARG A 185 -12.61 -17.15 7.38
CA ARG A 185 -13.58 -17.90 8.19
C ARG A 185 -14.72 -18.47 7.35
N TYR A 186 -15.27 -17.67 6.46
CA TYR A 186 -16.39 -18.09 5.61
C TYR A 186 -15.96 -18.68 4.25
N GLY A 187 -14.65 -18.76 4.00
CA GLY A 187 -14.11 -19.22 2.72
C GLY A 187 -13.75 -18.05 1.82
N ASN A 188 -12.91 -18.31 0.83
CA ASN A 188 -12.48 -17.29 -0.13
C ASN A 188 -12.80 -17.91 -1.51
N PRO A 189 -13.85 -17.41 -2.19
CA PRO A 189 -14.24 -18.00 -3.46
C PRO A 189 -13.31 -17.65 -4.62
N TRP A 190 -12.42 -16.69 -4.43
CA TRP A 190 -11.55 -16.19 -5.48
C TRP A 190 -10.31 -17.02 -5.67
N GLU A 191 -9.85 -17.72 -4.63
CA GLU A 191 -8.60 -18.48 -4.72
C GLU A 191 -8.84 -19.91 -5.19
N LYS A 192 -7.81 -20.51 -5.79
CA LYS A 192 -7.81 -21.94 -6.11
C LYS A 192 -6.54 -22.55 -5.53
N ALA A 193 -6.69 -23.49 -4.59
CA ALA A 193 -5.57 -24.24 -4.01
C ALA A 193 -4.96 -25.08 -5.10
N ARG A 194 -3.63 -25.14 -5.17
CA ARG A 194 -2.97 -25.98 -6.13
C ARG A 194 -2.01 -26.92 -5.37
N PRO A 195 -2.55 -27.81 -4.51
CA PRO A 195 -1.68 -28.71 -3.70
C PRO A 195 -0.73 -29.58 -4.52
N GLU A 196 -1.04 -29.79 -5.79
CA GLU A 196 -0.18 -30.48 -6.74
C GLU A 196 1.14 -29.78 -7.10
N PHE A 197 1.27 -28.47 -6.89
CA PHE A 197 2.51 -27.72 -7.17
C PHE A 197 3.25 -27.35 -5.87
N THR A 198 2.98 -28.10 -4.81
CA THR A 198 3.64 -27.97 -3.52
C THR A 198 5.14 -28.23 -3.62
N LEU A 199 5.94 -27.40 -2.96
CA LEU A 199 7.40 -27.44 -3.06
C LEU A 199 8.03 -27.41 -1.67
N PRO A 200 9.20 -28.02 -1.50
CA PRO A 200 9.90 -27.98 -0.21
C PRO A 200 10.77 -26.75 -0.02
N VAL A 201 10.78 -26.24 1.20
CA VAL A 201 11.61 -25.15 1.63
C VAL A 201 12.43 -25.63 2.83
N HIS A 202 13.73 -25.31 2.81
CA HIS A 202 14.70 -25.79 3.81
C HIS A 202 15.11 -24.72 4.81
N PHE A 203 15.30 -25.14 6.06
CA PHE A 203 15.75 -24.25 7.14
C PHE A 203 16.78 -24.97 8.03
N TYR A 204 17.60 -24.17 8.70
CA TYR A 204 18.64 -24.64 9.63
C TYR A 204 19.71 -25.47 8.90
N GLY A 205 20.09 -26.62 9.44
CA GLY A 205 21.11 -27.46 8.84
C GLY A 205 22.52 -26.92 8.99
N ARG A 206 23.41 -27.43 8.14
CA ARG A 206 24.80 -26.99 8.14
C ARG A 206 25.38 -27.21 6.75
N VAL A 207 26.54 -26.62 6.49
CA VAL A 207 27.18 -26.70 5.19
C VAL A 207 28.34 -27.70 5.24
N GLU A 208 28.36 -28.65 4.30
CA GLU A 208 29.51 -29.53 4.07
C GLU A 208 30.20 -29.13 2.78
N HIS A 209 31.53 -29.06 2.79
CA HIS A 209 32.31 -28.81 1.57
C HIS A 209 32.92 -30.11 1.11
N THR A 210 32.40 -30.67 0.02
CA THR A 210 33.00 -31.83 -0.63
C THR A 210 33.97 -31.33 -1.72
N SER A 211 34.57 -32.25 -2.45
CA SER A 211 35.28 -31.94 -3.69
C SER A 211 34.30 -31.52 -4.81
N GLN A 212 33.06 -31.99 -4.70
CA GLN A 212 31.96 -31.61 -5.58
C GLN A 212 31.18 -30.39 -5.03
N GLY A 213 31.90 -29.33 -4.63
CA GLY A 213 31.27 -28.09 -4.11
C GLY A 213 30.66 -28.15 -2.71
N ALA A 214 29.87 -27.13 -2.38
CA ALA A 214 29.18 -27.06 -1.08
C ALA A 214 27.82 -27.77 -1.13
N LYS A 215 27.43 -28.38 -0.01
CA LYS A 215 26.14 -29.07 0.14
C LYS A 215 25.50 -28.61 1.44
N TRP A 216 24.23 -28.22 1.38
CA TRP A 216 23.46 -27.78 2.55
C TRP A 216 22.68 -29.00 3.03
N VAL A 217 23.00 -29.49 4.22
CA VAL A 217 22.50 -30.80 4.70
C VAL A 217 21.90 -30.67 6.08
N ASP A 218 21.18 -31.72 6.50
CA ASP A 218 20.56 -31.85 7.82
C ASP A 218 19.56 -30.76 8.09
N THR A 219 18.81 -30.37 7.06
CA THR A 219 17.86 -29.26 7.15
C THR A 219 16.50 -29.74 7.68
N GLN A 220 15.70 -28.80 8.19
CA GLN A 220 14.28 -29.03 8.48
C GLN A 220 13.49 -28.56 7.26
N VAL A 221 12.48 -29.33 6.87
CA VAL A 221 11.71 -29.06 5.66
C VAL A 221 10.34 -28.52 6.06
N VAL A 222 9.90 -27.46 5.41
CA VAL A 222 8.51 -27.01 5.43
C VAL A 222 8.02 -27.01 3.99
N LEU A 223 6.78 -27.44 3.76
CA LEU A 223 6.20 -27.44 2.43
C LEU A 223 5.52 -26.09 2.16
N ALA A 224 5.64 -25.63 0.92
CA ALA A 224 4.99 -24.42 0.44
C ALA A 224 3.90 -24.85 -0.55
N MET A 225 2.65 -24.65 -0.17
CA MET A 225 1.52 -24.99 -1.01
C MET A 225 0.94 -23.73 -1.63
N PRO A 226 0.82 -23.67 -2.96
CA PRO A 226 0.34 -22.42 -3.59
C PRO A 226 -1.18 -22.33 -3.71
N TYR A 227 -1.67 -21.11 -3.57
CA TYR A 227 -3.06 -20.74 -3.84
C TYR A 227 -3.03 -19.66 -4.88
N ASP A 228 -3.80 -19.86 -5.97
CA ASP A 228 -3.78 -18.93 -7.10
C ASP A 228 -5.05 -18.08 -7.13
N THR A 229 -4.89 -16.78 -7.36
CA THR A 229 -6.01 -15.85 -7.45
C THR A 229 -5.92 -15.16 -8.79
N PRO A 230 -7.05 -15.07 -9.52
CA PRO A 230 -7.04 -14.37 -10.79
C PRO A 230 -6.97 -12.86 -10.65
N VAL A 231 -6.26 -12.22 -11.58
CA VAL A 231 -6.10 -10.78 -11.65
C VAL A 231 -6.55 -10.30 -13.04
N PRO A 232 -7.80 -9.85 -13.17
CA PRO A 232 -8.30 -9.47 -14.50
C PRO A 232 -7.81 -8.10 -14.95
N GLY A 233 -7.41 -7.99 -16.22
CA GLY A 233 -7.16 -6.70 -16.82
C GLY A 233 -8.47 -5.97 -17.18
N TYR A 234 -8.36 -4.68 -17.50
CA TYR A 234 -9.53 -3.86 -17.83
C TYR A 234 -10.02 -4.12 -19.26
N ARG A 235 -11.05 -4.93 -19.36
CA ARG A 235 -11.76 -5.17 -20.61
C ARG A 235 -10.91 -5.66 -21.80
N ASN A 236 -9.83 -6.37 -21.49
CA ASN A 236 -8.93 -6.88 -22.49
C ASN A 236 -8.88 -8.41 -22.54
N ASN A 237 -9.70 -9.07 -21.70
CA ASN A 237 -9.74 -10.54 -21.57
C ASN A 237 -8.43 -11.18 -21.12
N VAL A 238 -7.55 -10.41 -20.51
CA VAL A 238 -6.32 -10.93 -19.93
C VAL A 238 -6.62 -11.21 -18.45
N VAL A 239 -6.24 -12.40 -17.98
CA VAL A 239 -6.35 -12.72 -16.57
C VAL A 239 -5.01 -13.32 -16.11
N ASN A 240 -4.31 -12.55 -15.29
CA ASN A 240 -2.99 -12.95 -14.77
C ASN A 240 -3.19 -13.63 -13.42
N THR A 241 -2.10 -14.05 -12.79
CA THR A 241 -2.16 -14.86 -11.56
C THR A 241 -1.40 -14.18 -10.43
N MET A 242 -2.01 -14.19 -9.25
CA MET A 242 -1.31 -13.91 -8.01
C MET A 242 -1.19 -15.24 -7.30
N ARG A 243 0.04 -15.68 -7.05
CA ARG A 243 0.30 -16.97 -6.39
C ARG A 243 0.81 -16.72 -4.96
N LEU A 244 0.03 -17.15 -3.97
CA LEU A 244 0.39 -16.97 -2.57
C LEU A 244 0.66 -18.34 -1.91
N TRP A 245 1.78 -18.41 -1.18
CA TRP A 245 2.24 -19.65 -0.60
C TRP A 245 1.73 -19.79 0.85
N SER A 246 1.33 -21.02 1.21
CA SER A 246 0.87 -21.36 2.55
C SER A 246 1.77 -22.47 3.08
N ALA A 247 2.10 -22.40 4.36
CA ALA A 247 3.06 -23.34 4.96
C ALA A 247 2.38 -24.59 5.47
N LYS A 248 2.96 -25.76 5.17
CA LYS A 248 2.42 -27.04 5.59
C LYS A 248 3.56 -27.92 6.10
N ALA A 249 3.33 -28.68 7.15
CA ALA A 249 4.34 -29.59 7.68
C ALA A 249 4.37 -30.83 6.78
N PRO A 250 5.54 -31.44 6.54
CA PRO A 250 5.51 -32.81 5.92
C PRO A 250 4.87 -33.88 6.82
N ASN A 251 4.41 -35.00 6.27
CA ASN A 251 3.65 -36.02 7.08
C ASN A 251 4.44 -36.88 8.06
N ASP A 252 5.74 -36.99 7.82
CA ASP A 252 6.66 -37.63 8.79
C ASP A 252 7.24 -36.62 9.83
N PHE A 253 6.75 -35.37 9.82
CA PHE A 253 7.22 -34.27 10.72
C PHE A 253 7.16 -34.68 12.20
N ASN A 254 8.33 -34.66 12.85
CA ASN A 254 8.51 -35.17 14.22
C ASN A 254 8.23 -36.68 14.41
N LEU A 255 8.10 -37.46 13.32
CA LEU A 255 7.60 -38.86 13.37
C LEU A 255 8.56 -39.92 12.78
N GLY A 262 5.10 -38.06 22.77
CA GLY A 262 4.96 -39.19 21.84
C GLY A 262 4.19 -38.82 20.57
N TYR A 263 3.37 -39.75 20.09
CA TYR A 263 2.61 -39.58 18.83
C TYR A 263 1.71 -38.34 18.85
N ILE A 264 0.91 -38.18 19.89
CA ILE A 264 -0.06 -37.05 19.92
C ILE A 264 0.66 -35.70 19.83
N GLN A 265 1.69 -35.55 20.66
CA GLN A 265 2.48 -34.30 20.67
C GLN A 265 3.14 -33.99 19.34
N ALA A 266 3.63 -35.01 18.66
CA ALA A 266 4.24 -34.84 17.34
C ALA A 266 3.27 -34.28 16.31
N VAL A 267 2.03 -34.75 16.36
CA VAL A 267 1.01 -34.22 15.47
C VAL A 267 0.68 -32.77 15.85
N LEU A 268 0.52 -32.50 17.15
CA LEU A 268 0.21 -31.13 17.58
C LEU A 268 1.33 -30.14 17.24
N ASP A 269 2.58 -30.61 17.27
CA ASP A 269 3.74 -29.75 16.96
C ASP A 269 3.90 -29.41 15.49
N ARG A 270 3.06 -29.97 14.61
CA ARG A 270 3.03 -29.50 13.23
C ARG A 270 2.76 -27.99 13.12
N ASN A 271 2.09 -27.43 14.14
CA ASN A 271 1.78 -26.00 14.21
CA ASN A 271 1.80 -26.00 14.23
C ASN A 271 3.04 -25.14 14.14
N LEU A 272 4.15 -25.63 14.69
CA LEU A 272 5.39 -24.89 14.66
C LEU A 272 5.84 -24.56 13.23
N ALA A 273 5.72 -25.53 12.31
CA ALA A 273 6.07 -25.27 10.90
C ALA A 273 5.02 -24.38 10.22
N GLU A 274 3.76 -24.61 10.55
CA GLU A 274 2.66 -23.93 9.85
C GLU A 274 2.48 -22.49 10.31
N ASN A 275 3.11 -22.14 11.44
CA ASN A 275 3.11 -20.75 11.92
C ASN A 275 3.77 -19.74 10.99
N ILE A 276 4.59 -20.20 10.05
CA ILE A 276 5.25 -19.29 9.10
C ILE A 276 4.26 -18.41 8.33
N SER A 277 3.15 -18.97 7.87
CA SER A 277 2.16 -18.22 7.13
C SER A 277 0.94 -17.79 7.96
N ARG A 278 1.07 -17.77 9.29
CA ARG A 278 -0.08 -17.54 10.12
C ARG A 278 -0.50 -16.08 10.13
N VAL A 279 0.44 -15.15 10.23
CA VAL A 279 0.07 -13.75 10.51
C VAL A 279 1.03 -12.72 9.89
N LEU A 280 0.43 -11.66 9.36
CA LEU A 280 1.15 -10.49 8.83
C LEU A 280 1.72 -9.68 10.00
N TYR A 281 3.01 -9.41 9.97
CA TYR A 281 3.60 -8.45 10.93
C TYR A 281 3.01 -7.05 10.63
N PRO A 282 2.38 -6.41 11.63
CA PRO A 282 1.58 -5.21 11.41
C PRO A 282 2.34 -3.86 11.53
N ASN A 283 3.59 -3.82 11.08
CA ASN A 283 4.41 -2.58 11.12
C ASN A 283 4.34 -1.85 9.79
N ASP A 284 4.44 -0.55 9.86
CA ASP A 284 4.53 0.27 8.69
C ASP A 284 5.76 1.14 8.97
N ASN A 285 6.75 1.07 8.09
CA ASN A 285 7.98 1.87 8.24
C ASN A 285 8.74 1.62 9.54
N PHE A 286 8.78 0.36 9.97
CA PHE A 286 9.52 0.01 11.17
C PHE A 286 10.00 -1.44 11.04
N PHE A 287 11.27 -1.66 11.37
CA PHE A 287 11.88 -2.99 11.28
C PHE A 287 12.07 -3.61 12.67
N GLU A 288 11.59 -4.84 12.85
CA GLU A 288 11.94 -5.66 14.03
C GLU A 288 12.68 -6.91 13.56
N GLY A 289 13.84 -7.20 14.12
CA GLY A 289 14.59 -8.39 13.76
C GLY A 289 14.09 -9.68 14.43
N LYS A 290 12.88 -10.13 14.09
CA LYS A 290 12.35 -11.35 14.69
C LYS A 290 12.56 -12.53 13.78
N GLU A 291 12.94 -13.68 14.35
CA GLU A 291 13.20 -14.87 13.57
C GLU A 291 12.00 -15.29 12.69
N LEU A 292 10.79 -15.21 13.22
CA LEU A 292 9.63 -15.62 12.44
C LEU A 292 9.49 -14.79 11.15
N ARG A 293 9.78 -13.49 11.22
CA ARG A 293 9.74 -12.65 10.05
C ARG A 293 10.81 -13.04 9.03
N LEU A 294 12.00 -13.38 9.48
CA LEU A 294 13.03 -13.87 8.57
C LEU A 294 12.62 -15.17 7.91
N LYS A 295 11.98 -16.08 8.65
CA LYS A 295 11.43 -17.30 8.05
C LYS A 295 10.40 -17.01 6.96
N GLN A 296 9.53 -16.02 7.18
CA GLN A 296 8.55 -15.62 6.17
C GLN A 296 9.21 -15.16 4.89
N GLU A 297 10.25 -14.34 5.06
CA GLU A 297 10.97 -13.77 3.94
C GLU A 297 11.67 -14.85 3.11
N TYR A 298 12.34 -15.78 3.78
CA TYR A 298 12.98 -16.85 3.04
C TYR A 298 11.96 -17.81 2.38
N PHE A 299 10.90 -18.13 3.13
CA PHE A 299 9.85 -19.01 2.65
C PHE A 299 9.29 -18.53 1.31
N VAL A 300 8.95 -17.26 1.20
CA VAL A 300 8.44 -16.72 -0.06
C VAL A 300 9.44 -16.81 -1.18
N VAL A 301 10.66 -16.43 -0.88
CA VAL A 301 11.75 -16.44 -1.85
C VAL A 301 12.10 -17.84 -2.38
N ALA A 302 12.26 -18.80 -1.48
CA ALA A 302 12.67 -20.14 -1.86
C ALA A 302 11.64 -20.85 -2.69
N ALA A 303 10.37 -20.77 -2.28
CA ALA A 303 9.29 -21.41 -3.06
C ALA A 303 9.13 -20.75 -4.45
N THR A 304 9.13 -19.42 -4.44
CA THR A 304 8.99 -18.65 -5.67
C THR A 304 10.09 -18.95 -6.68
N LEU A 305 11.34 -18.93 -6.24
CA LEU A 305 12.46 -19.17 -7.16
C LEU A 305 12.44 -20.58 -7.77
N GLN A 306 12.06 -21.59 -7.01
CA GLN A 306 11.90 -22.93 -7.58
C GLN A 306 10.81 -22.97 -8.65
N ASP A 307 9.71 -22.26 -8.39
CA ASP A 307 8.61 -22.19 -9.35
C ASP A 307 9.03 -21.50 -10.66
N ILE A 308 9.79 -20.41 -10.51
CA ILE A 308 10.34 -19.65 -11.64
C ILE A 308 11.25 -20.52 -12.47
N ILE A 309 12.15 -21.24 -11.80
CA ILE A 309 13.12 -22.05 -12.52
C ILE A 309 12.43 -23.21 -13.25
N ARG A 310 11.44 -23.82 -12.59
CA ARG A 310 10.66 -24.92 -13.18
C ARG A 310 9.96 -24.46 -14.46
N ARG A 311 9.36 -23.26 -14.41
CA ARG A 311 8.65 -22.69 -15.53
C ARG A 311 9.59 -22.34 -16.67
N PHE A 312 10.79 -21.84 -16.33
CA PHE A 312 11.85 -21.55 -17.32
C PHE A 312 12.35 -22.82 -18.04
N LYS A 313 12.54 -23.91 -17.30
CA LYS A 313 12.99 -25.17 -17.92
C LYS A 313 11.94 -25.81 -18.85
N SER A 314 10.66 -25.56 -18.58
CA SER A 314 9.54 -26.10 -19.36
C SER A 314 9.09 -25.21 -20.54
N SER A 315 10.04 -24.78 -21.38
CA SER A 315 9.74 -23.96 -22.55
C SER A 315 9.45 -24.83 -23.77
N THR A 325 19.81 -27.06 -19.92
CA THR A 325 20.11 -25.97 -18.98
C THR A 325 21.05 -24.96 -19.61
N ASN A 326 20.49 -23.99 -20.34
CA ASN A 326 21.25 -22.83 -20.78
C ASN A 326 20.75 -21.57 -20.06
N PHE A 327 21.37 -21.30 -18.92
CA PHE A 327 20.99 -20.15 -18.09
C PHE A 327 21.44 -18.81 -18.65
N ASP A 328 22.22 -18.79 -19.73
CA ASP A 328 22.55 -17.53 -20.41
C ASP A 328 21.30 -16.76 -20.87
N ALA A 329 20.24 -17.48 -21.22
CA ALA A 329 18.98 -16.86 -21.67
C ALA A 329 18.01 -16.49 -20.52
N PHE A 330 18.38 -16.83 -19.28
CA PHE A 330 17.49 -16.67 -18.14
C PHE A 330 17.03 -15.22 -17.99
N PRO A 331 17.97 -14.25 -18.02
CA PRO A 331 17.54 -12.85 -17.93
C PRO A 331 16.76 -12.32 -19.14
N ASP A 332 16.83 -12.99 -20.29
CA ASP A 332 15.95 -12.70 -21.43
C ASP A 332 14.52 -13.19 -21.24
N LYS A 333 14.29 -14.16 -20.36
CA LYS A 333 12.98 -14.72 -20.14
C LYS A 333 12.38 -14.44 -18.77
N VAL A 334 13.17 -13.86 -17.86
CA VAL A 334 12.77 -13.67 -16.48
C VAL A 334 13.21 -12.32 -15.99
N ALA A 335 12.28 -11.58 -15.37
CA ALA A 335 12.60 -10.40 -14.54
C ALA A 335 12.01 -10.61 -13.15
N ILE A 336 12.80 -10.32 -12.13
CA ILE A 336 12.38 -10.39 -10.74
C ILE A 336 12.48 -9.00 -10.15
N GLN A 337 11.33 -8.47 -9.73
CA GLN A 337 11.25 -7.17 -9.10
C GLN A 337 11.06 -7.36 -7.60
N LEU A 338 11.98 -6.79 -6.83
CA LEU A 338 11.98 -6.89 -5.39
C LEU A 338 11.28 -5.67 -4.81
N ASN A 339 10.16 -5.93 -4.12
CA ASN A 339 9.37 -4.86 -3.50
C ASN A 339 9.98 -4.56 -2.12
N ASP A 340 10.90 -3.58 -2.11
CA ASP A 340 11.77 -3.29 -0.98
C ASP A 340 12.73 -4.45 -0.73
N THR A 341 13.37 -4.48 0.44
CA THR A 341 14.37 -5.49 0.76
C THR A 341 13.72 -6.74 1.32
N HIS A 342 12.40 -6.72 1.48
CA HIS A 342 11.73 -7.85 2.18
C HIS A 342 12.02 -9.22 1.50
N PRO A 343 12.05 -9.26 0.15
CA PRO A 343 12.45 -10.49 -0.56
C PRO A 343 13.90 -10.49 -1.04
N SER A 344 14.76 -9.72 -0.37
CA SER A 344 16.16 -9.58 -0.79
C SER A 344 16.95 -10.88 -0.80
N LEU A 345 16.53 -11.87 -0.02
CA LEU A 345 17.19 -13.17 -0.04
C LEU A 345 17.09 -13.87 -1.39
N ALA A 346 16.25 -13.38 -2.30
CA ALA A 346 16.22 -13.87 -3.68
C ALA A 346 17.59 -13.81 -4.34
N ILE A 347 18.40 -12.80 -4.01
CA ILE A 347 19.74 -12.64 -4.60
C ILE A 347 20.67 -13.79 -4.21
N PRO A 348 20.92 -14.02 -2.90
CA PRO A 348 21.75 -15.17 -2.55
C PRO A 348 21.10 -16.53 -2.81
N GLU A 349 19.77 -16.61 -2.81
CA GLU A 349 19.10 -17.88 -3.15
C GLU A 349 19.29 -18.23 -4.63
N LEU A 350 19.15 -17.24 -5.52
CA LEU A 350 19.41 -17.46 -6.93
C LEU A 350 20.87 -17.91 -7.12
N MET A 351 21.81 -17.26 -6.44
CA MET A 351 23.20 -17.70 -6.51
C MET A 351 23.40 -19.13 -6.01
N ARG A 352 22.75 -19.46 -4.90
CA ARG A 352 22.82 -20.83 -4.33
C ARG A 352 22.37 -21.89 -5.32
N VAL A 353 21.21 -21.67 -5.91
CA VAL A 353 20.66 -22.61 -6.86
C VAL A 353 21.61 -22.73 -8.06
N LEU A 354 22.04 -21.61 -8.64
CA LEU A 354 22.89 -21.67 -9.85
C LEU A 354 24.26 -22.29 -9.59
N VAL A 355 24.87 -21.98 -8.45
CA VAL A 355 26.22 -22.47 -8.13
C VAL A 355 26.18 -23.87 -7.52
N ASP A 356 25.40 -24.05 -6.45
CA ASP A 356 25.38 -25.33 -5.73
C ASP A 356 24.60 -26.44 -6.44
N LEU A 357 23.51 -26.10 -7.11
CA LEU A 357 22.65 -27.13 -7.71
C LEU A 357 22.85 -27.26 -9.21
N GLU A 358 22.95 -26.15 -9.95
CA GLU A 358 23.13 -26.20 -11.42
C GLU A 358 24.59 -26.21 -11.84
N ARG A 359 25.51 -25.97 -10.90
CA ARG A 359 26.95 -26.09 -11.14
C ARG A 359 27.53 -25.04 -12.09
N LEU A 360 26.94 -23.85 -12.12
CA LEU A 360 27.51 -22.72 -12.84
C LEU A 360 28.68 -22.20 -12.05
N ASP A 361 29.67 -21.64 -12.75
CA ASP A 361 30.76 -20.96 -12.07
C ASP A 361 30.22 -19.64 -11.50
N TRP A 362 30.88 -19.16 -10.47
CA TRP A 362 30.42 -18.02 -9.72
C TRP A 362 30.16 -16.81 -10.62
N ASP A 363 31.13 -16.47 -11.46
CA ASP A 363 31.05 -15.25 -12.27
C ASP A 363 29.85 -15.25 -13.23
N LYS A 364 29.58 -16.39 -13.85
CA LYS A 364 28.43 -16.55 -14.73
C LYS A 364 27.11 -16.44 -13.95
N ALA A 365 27.03 -17.15 -12.83
CA ALA A 365 25.86 -17.07 -11.96
C ALA A 365 25.56 -15.63 -11.53
N TRP A 366 26.60 -14.88 -11.18
CA TRP A 366 26.47 -13.51 -10.75
C TRP A 366 25.95 -12.58 -11.85
N GLU A 367 26.50 -12.75 -13.06
CA GLU A 367 26.02 -12.05 -14.25
C GLU A 367 24.52 -12.27 -14.47
N VAL A 368 24.10 -13.52 -14.38
CA VAL A 368 22.68 -13.87 -14.56
C VAL A 368 21.81 -13.23 -13.47
N THR A 369 22.28 -13.32 -12.23
CA THR A 369 21.56 -12.78 -11.10
C THR A 369 21.34 -11.27 -11.21
N VAL A 370 22.40 -10.53 -11.49
CA VAL A 370 22.34 -9.08 -11.55
C VAL A 370 21.39 -8.63 -12.69
N LYS A 371 21.46 -9.31 -13.83
CA LYS A 371 20.63 -8.98 -14.98
C LYS A 371 19.15 -9.33 -14.79
N THR A 372 18.89 -10.26 -13.88
CA THR A 372 17.55 -10.71 -13.60
C THR A 372 16.84 -9.83 -12.56
N CYS A 373 17.58 -9.40 -11.53
CA CYS A 373 17.00 -8.74 -10.35
C CYS A 373 17.03 -7.21 -10.44
N ALA A 374 15.96 -6.60 -9.92
CA ALA A 374 15.87 -5.15 -9.77
C ALA A 374 15.18 -4.84 -8.43
N TYR A 375 15.57 -3.71 -7.81
CA TYR A 375 15.20 -3.40 -6.45
C TYR A 375 14.50 -2.04 -6.38
N THR A 376 13.35 -2.00 -5.74
CA THR A 376 12.65 -0.76 -5.47
C THR A 376 12.77 -0.44 -4.00
N ASN A 377 13.34 0.73 -3.69
CA ASN A 377 13.39 1.27 -2.31
C ASN A 377 12.17 2.15 -2.01
N HIS A 378 11.60 2.00 -0.82
CA HIS A 378 10.39 2.71 -0.44
C HIS A 378 10.52 3.58 0.83
N THR A 379 11.72 3.76 1.36
CA THR A 379 11.82 4.55 2.58
C THR A 379 13.25 4.93 2.84
N VAL A 380 13.43 6.12 3.41
CA VAL A 380 14.73 6.56 3.92
C VAL A 380 14.79 6.61 5.45
N LEU A 381 13.71 6.31 6.16
CA LEU A 381 13.76 6.34 7.63
C LEU A 381 14.67 5.21 8.12
N PRO A 382 15.70 5.55 8.92
CA PRO A 382 16.71 4.55 9.33
C PRO A 382 16.14 3.35 10.12
N GLU A 383 15.10 3.59 10.91
CA GLU A 383 14.47 2.52 11.69
C GLU A 383 13.61 1.54 10.86
N ALA A 384 13.33 1.88 9.60
CA ALA A 384 12.61 1.00 8.66
C ALA A 384 13.52 0.06 7.85
N LEU A 385 14.82 0.34 7.80
CA LEU A 385 15.75 -0.43 6.97
C LEU A 385 16.07 -1.77 7.61
N GLU A 386 16.03 -2.85 6.82
CA GLU A 386 16.29 -4.18 7.34
C GLU A 386 17.76 -4.42 7.48
N ARG A 387 18.17 -4.69 8.70
CA ARG A 387 19.54 -5.02 9.04
CA ARG A 387 19.54 -5.03 9.04
C ARG A 387 19.49 -6.27 9.94
N TRP A 388 19.73 -7.44 9.37
CA TRP A 388 19.59 -8.70 10.10
C TRP A 388 20.86 -9.08 10.85
N PRO A 389 20.74 -9.41 12.16
CA PRO A 389 21.91 -9.95 12.87
C PRO A 389 22.52 -11.16 12.20
N VAL A 390 23.85 -11.17 12.12
CA VAL A 390 24.57 -12.28 11.54
C VAL A 390 24.27 -13.62 12.26
N HIS A 391 24.14 -13.62 13.59
CA HIS A 391 23.88 -14.86 14.35
C HIS A 391 22.54 -15.55 13.96
N LEU A 392 21.53 -14.75 13.61
CA LEU A 392 20.26 -15.28 13.08
C LEU A 392 20.45 -15.97 11.74
N LEU A 393 21.13 -15.29 10.83
CA LEU A 393 21.39 -15.87 9.51
C LEU A 393 22.27 -17.08 9.60
N GLU A 394 23.25 -17.04 10.50
CA GLU A 394 24.15 -18.15 10.68
C GLU A 394 23.43 -19.45 11.09
N THR A 395 22.45 -19.33 11.96
CA THR A 395 21.70 -20.48 12.46
C THR A 395 20.65 -20.92 11.46
N LEU A 396 19.90 -19.95 10.92
CA LEU A 396 18.76 -20.27 10.08
C LEU A 396 19.16 -20.62 8.64
N LEU A 397 20.13 -19.91 8.08
CA LEU A 397 20.45 -19.97 6.64
C LEU A 397 21.96 -19.92 6.45
N PRO A 398 22.65 -20.93 6.99
CA PRO A 398 24.11 -20.90 7.00
C PRO A 398 24.77 -20.80 5.62
N ARG A 399 24.19 -21.46 4.61
CA ARG A 399 24.73 -21.36 3.25
C ARG A 399 24.55 -19.95 2.65
N HIS A 400 23.39 -19.33 2.86
CA HIS A 400 23.13 -17.97 2.39
C HIS A 400 24.11 -16.98 3.02
N LEU A 401 24.45 -17.16 4.30
CA LEU A 401 25.43 -16.26 4.93
C LEU A 401 26.80 -16.37 4.25
N GLN A 402 27.24 -17.58 3.94
CA GLN A 402 28.51 -17.78 3.22
C GLN A 402 28.50 -17.08 1.87
N ILE A 403 27.39 -17.21 1.16
CA ILE A 403 27.24 -16.57 -0.15
C ILE A 403 27.25 -15.04 0.00
N ILE A 404 26.59 -14.52 1.03
CA ILE A 404 26.59 -13.07 1.30
C ILE A 404 28.02 -12.54 1.55
N TYR A 405 28.80 -13.27 2.35
CA TYR A 405 30.19 -12.87 2.60
C TYR A 405 31.04 -12.82 1.32
N GLU A 406 30.84 -13.81 0.46
CA GLU A 406 31.55 -13.88 -0.80
C GLU A 406 31.13 -12.74 -1.72
N ILE A 407 29.83 -12.43 -1.76
CA ILE A 407 29.33 -11.28 -2.52
C ILE A 407 30.03 -10.00 -2.01
N ASN A 408 30.06 -9.84 -0.70
CA ASN A 408 30.63 -8.67 -0.06
C ASN A 408 32.10 -8.50 -0.40
N GLN A 409 32.88 -9.57 -0.29
CA GLN A 409 34.31 -9.52 -0.57
C GLN A 409 34.58 -9.12 -2.03
N ARG A 410 33.84 -9.71 -2.97
CA ARG A 410 33.99 -9.36 -4.38
C ARG A 410 33.54 -7.94 -4.70
N PHE A 411 32.46 -7.50 -4.06
CA PHE A 411 31.97 -6.13 -4.22
C PHE A 411 32.96 -5.09 -3.71
N LEU A 412 33.47 -5.30 -2.50
CA LEU A 412 34.45 -4.39 -1.91
C LEU A 412 35.77 -4.37 -2.67
N ASN A 413 36.17 -5.50 -3.27
CA ASN A 413 37.32 -5.52 -4.20
C ASN A 413 37.12 -4.54 -5.35
N ARG A 414 35.93 -4.47 -5.92
CA ARG A 414 35.63 -3.48 -6.96
C ARG A 414 35.68 -2.06 -6.45
N VAL A 415 35.13 -1.83 -5.25
CA VAL A 415 35.13 -0.49 -4.63
C VAL A 415 36.60 -0.01 -4.45
N ALA A 416 37.44 -0.89 -3.92
CA ALA A 416 38.84 -0.55 -3.66
C ALA A 416 39.62 -0.23 -4.92
N ALA A 417 39.30 -0.91 -6.03
CA ALA A 417 39.91 -0.68 -7.33
C ALA A 417 39.48 0.67 -7.91
N ALA A 418 38.24 1.07 -7.66
CA ALA A 418 37.72 2.33 -8.19
C ALA A 418 38.12 3.54 -7.33
N PHE A 419 38.29 3.35 -6.02
CA PHE A 419 38.57 4.43 -5.09
C PHE A 419 39.74 4.01 -4.18
N PRO A 420 40.93 3.82 -4.74
CA PRO A 420 42.03 3.26 -3.95
C PRO A 420 42.40 4.14 -2.77
N GLY A 421 42.59 3.50 -1.62
CA GLY A 421 42.95 4.17 -0.38
C GLY A 421 41.79 4.73 0.40
N ASP A 422 40.56 4.66 -0.13
CA ASP A 422 39.41 5.27 0.52
C ASP A 422 38.83 4.24 1.49
N VAL A 423 39.53 4.12 2.62
CA VAL A 423 39.23 3.10 3.60
C VAL A 423 37.87 3.34 4.26
N ASP A 424 37.50 4.60 4.48
CA ASP A 424 36.21 4.84 5.06
C ASP A 424 35.05 4.46 4.10
N ARG A 425 35.22 4.67 2.80
CA ARG A 425 34.22 4.24 1.83
C ARG A 425 33.98 2.73 1.91
N LEU A 426 35.05 1.95 2.06
CA LEU A 426 34.93 0.49 2.22
C LEU A 426 34.06 0.10 3.41
N ARG A 427 34.28 0.74 4.55
CA ARG A 427 33.43 0.53 5.72
C ARG A 427 31.99 0.95 5.47
N ARG A 428 31.75 2.11 4.86
CA ARG A 428 30.39 2.58 4.62
C ARG A 428 29.61 1.70 3.65
N MET A 429 30.29 1.13 2.65
CA MET A 429 29.61 0.41 1.58
C MET A 429 29.46 -1.09 1.88
N SER A 430 30.15 -1.58 2.92
CA SER A 430 30.13 -3.02 3.22
C SER A 430 28.70 -3.52 3.40
N LEU A 431 28.44 -4.74 2.93
CA LEU A 431 27.17 -5.41 3.25
C LEU A 431 27.11 -5.79 4.73
N VAL A 432 28.28 -5.96 5.35
CA VAL A 432 28.39 -6.34 6.75
C VAL A 432 28.66 -5.13 7.61
N GLU A 433 27.75 -4.80 8.53
CA GLU A 433 27.95 -3.71 9.48
C GLU A 433 28.60 -4.22 10.76
N GLU A 434 29.73 -3.63 11.13
CA GLU A 434 30.44 -3.96 12.38
C GLU A 434 29.76 -3.31 13.58
N GLY A 435 30.03 -3.83 14.77
CA GLY A 435 29.47 -3.29 16.00
C GLY A 435 29.37 -4.31 17.11
N ALA A 436 28.60 -3.95 18.14
CA ALA A 436 28.24 -4.86 19.22
C ALA A 436 27.67 -6.15 18.62
N VAL A 437 26.63 -6.00 17.79
CA VAL A 437 26.11 -7.10 16.97
C VAL A 437 26.40 -6.80 15.50
N LYS A 438 27.09 -7.72 14.84
CA LYS A 438 27.29 -7.63 13.40
C LYS A 438 25.94 -7.88 12.72
N ARG A 439 25.65 -7.09 11.70
CA ARG A 439 24.41 -7.18 10.92
C ARG A 439 24.70 -7.20 9.43
N ILE A 440 23.76 -7.71 8.63
CA ILE A 440 23.82 -7.57 7.18
C ILE A 440 22.86 -6.46 6.79
N ASN A 441 23.35 -5.47 6.05
CA ASN A 441 22.52 -4.44 5.51
C ASN A 441 21.89 -4.94 4.20
N MET A 442 20.57 -5.19 4.24
CA MET A 442 19.92 -5.84 3.11
C MET A 442 19.79 -4.91 1.89
N ALA A 443 19.72 -3.61 2.14
CA ALA A 443 19.65 -2.63 1.08
C ALA A 443 20.95 -2.62 0.28
N HIS A 444 22.08 -2.72 0.97
CA HIS A 444 23.37 -2.80 0.28
C HIS A 444 23.47 -4.07 -0.54
N LEU A 445 22.97 -5.17 0.00
CA LEU A 445 22.91 -6.41 -0.78
C LEU A 445 22.06 -6.26 -2.06
N CYS A 446 20.89 -5.63 -1.94
CA CYS A 446 20.02 -5.40 -3.11
C CYS A 446 20.67 -4.53 -4.19
N ILE A 447 21.40 -3.49 -3.78
CA ILE A 447 22.06 -2.61 -4.75
C ILE A 447 23.15 -3.37 -5.50
N ALA A 448 23.97 -4.11 -4.74
CA ALA A 448 25.07 -4.88 -5.33
C ALA A 448 24.57 -5.92 -6.33
N GLY A 449 23.43 -6.54 -6.03
CA GLY A 449 22.93 -7.65 -6.80
C GLY A 449 21.84 -7.36 -7.83
N SER A 450 21.57 -6.08 -8.09
CA SER A 450 20.48 -5.66 -9.00
C SER A 450 21.04 -4.79 -10.12
N HIS A 451 20.48 -4.89 -11.31
CA HIS A 451 20.89 -4.02 -12.45
C HIS A 451 20.17 -2.67 -12.43
N ALA A 452 19.12 -2.54 -11.62
CA ALA A 452 18.38 -1.28 -11.49
C ALA A 452 17.92 -1.11 -10.07
N VAL A 453 18.03 0.11 -9.57
CA VAL A 453 17.58 0.52 -8.25
C VAL A 453 16.73 1.78 -8.46
N ASN A 454 15.50 1.77 -7.96
CA ASN A 454 14.64 2.95 -8.09
C ASN A 454 13.99 3.39 -6.78
N GLY A 455 13.81 4.71 -6.67
CA GLY A 455 12.89 5.29 -5.70
C GLY A 455 11.54 5.50 -6.35
N VAL A 456 10.63 6.06 -5.58
CA VAL A 456 9.20 5.98 -5.86
C VAL A 456 8.54 7.33 -6.07
N ALA A 457 9.36 8.39 -6.07
CA ALA A 457 8.95 9.74 -6.48
C ALA A 457 10.22 10.51 -6.75
N ARG A 458 10.16 11.55 -7.57
CA ARG A 458 11.39 12.24 -7.99
C ARG A 458 12.23 12.72 -6.83
N ILE A 459 11.63 13.37 -5.84
CA ILE A 459 12.38 13.91 -4.70
C ILE A 459 13.07 12.79 -3.89
N HIS A 460 12.37 11.67 -3.73
CA HIS A 460 12.89 10.51 -3.02
C HIS A 460 14.07 9.89 -3.78
N SER A 461 13.93 9.70 -5.08
CA SER A 461 15.01 9.17 -5.90
C SER A 461 16.26 10.06 -5.85
N GLU A 462 16.06 11.38 -5.79
CA GLU A 462 17.16 12.31 -5.64
C GLU A 462 17.81 12.22 -4.28
N ILE A 463 16.99 12.13 -3.23
CA ILE A 463 17.48 11.94 -1.87
C ILE A 463 18.35 10.65 -1.75
N LEU A 464 17.93 9.57 -2.42
CA LEU A 464 18.73 8.34 -2.46
C LEU A 464 20.11 8.56 -3.05
N LYS A 465 20.19 9.30 -4.14
CA LYS A 465 21.49 9.55 -4.80
C LYS A 465 22.38 10.52 -4.03
N LYS A 466 21.78 11.40 -3.25
CA LYS A 466 22.52 12.45 -2.52
C LYS A 466 22.86 12.10 -1.10
N THR A 467 22.13 11.18 -0.47
CA THR A 467 22.33 10.87 0.95
C THR A 467 22.63 9.41 1.16
N ILE A 468 21.62 8.57 1.39
CA ILE A 468 21.90 7.25 1.93
C ILE A 468 22.59 6.32 0.97
N PHE A 469 22.37 6.46 -0.34
CA PHE A 469 23.08 5.61 -1.31
C PHE A 469 24.08 6.36 -2.18
N LYS A 470 24.51 7.53 -1.70
CA LYS A 470 25.47 8.33 -2.42
C LYS A 470 26.72 7.57 -2.89
N ASP A 471 27.30 6.77 -2.00
CA ASP A 471 28.50 6.01 -2.35
C ASP A 471 28.28 5.04 -3.54
N PHE A 472 27.11 4.41 -3.55
CA PHE A 472 26.73 3.42 -4.57
C PHE A 472 26.46 4.09 -5.89
N TYR A 473 25.83 5.26 -5.82
CA TYR A 473 25.57 6.06 -7.00
C TYR A 473 26.89 6.50 -7.66
N GLU A 474 27.88 6.85 -6.84
CA GLU A 474 29.20 7.22 -7.38
C GLU A 474 29.90 6.07 -8.07
N LEU A 475 29.72 4.84 -7.54
CA LEU A 475 30.33 3.66 -8.15
C LEU A 475 29.62 3.23 -9.43
N GLU A 476 28.29 3.25 -9.43
CA GLU A 476 27.47 2.67 -10.50
C GLU A 476 26.26 3.58 -10.81
N PRO A 477 26.53 4.75 -11.40
CA PRO A 477 25.46 5.75 -11.58
C PRO A 477 24.30 5.27 -12.46
N HIS A 478 24.65 4.50 -13.47
CA HIS A 478 23.69 3.87 -14.39
C HIS A 478 22.58 3.02 -13.75
N LYS A 479 22.80 2.50 -12.54
CA LYS A 479 21.79 1.70 -11.87
C LYS A 479 20.58 2.48 -11.34
N PHE A 480 20.77 3.77 -11.05
CA PHE A 480 19.81 4.52 -10.27
C PHE A 480 18.76 5.19 -11.13
N GLN A 481 17.49 4.92 -10.83
CA GLN A 481 16.38 5.43 -11.59
C GLN A 481 15.30 5.97 -10.66
N ASN A 482 14.33 6.65 -11.24
CA ASN A 482 13.09 7.03 -10.57
C ASN A 482 11.92 6.36 -11.31
N LYS A 483 10.94 5.93 -10.52
CA LYS A 483 9.64 5.51 -11.04
C LYS A 483 8.60 6.04 -10.09
N THR A 484 8.01 7.18 -10.43
CA THR A 484 7.03 7.77 -9.55
C THR A 484 5.84 6.86 -9.45
N ASN A 485 5.37 6.68 -8.23
CA ASN A 485 4.22 5.83 -7.96
C ASN A 485 2.93 6.31 -8.67
N GLY A 486 1.96 5.41 -8.67
CA GLY A 486 0.62 5.67 -9.19
C GLY A 486 -0.43 4.79 -8.54
N ILE A 487 -1.68 5.02 -8.91
CA ILE A 487 -2.83 4.27 -8.41
C ILE A 487 -3.65 3.83 -9.61
N THR A 488 -4.35 2.74 -9.47
CA THR A 488 -5.22 2.31 -10.56
C THR A 488 -6.53 3.11 -10.62
N PRO A 489 -6.85 3.66 -11.80
CA PRO A 489 -8.10 4.39 -11.93
C PRO A 489 -9.33 3.50 -12.01
N ARG A 490 -9.16 2.18 -12.13
CA ARG A 490 -10.29 1.30 -12.07
C ARG A 490 -10.84 1.31 -10.64
N ARG A 491 -10.08 0.82 -9.67
CA ARG A 491 -10.53 0.84 -8.27
C ARG A 491 -10.78 2.27 -7.76
N TRP A 492 -9.87 3.20 -8.05
CA TRP A 492 -9.85 4.47 -7.36
C TRP A 492 -10.62 5.58 -8.07
N LEU A 493 -11.34 5.25 -9.14
CA LEU A 493 -12.31 6.21 -9.72
C LEU A 493 -13.59 5.50 -10.13
N VAL A 494 -13.49 4.58 -11.08
CA VAL A 494 -14.69 3.93 -11.65
C VAL A 494 -15.46 3.15 -10.59
N LEU A 495 -14.76 2.37 -9.79
CA LEU A 495 -15.39 1.55 -8.78
C LEU A 495 -15.92 2.37 -7.60
N CYS A 496 -15.10 3.25 -7.03
CA CYS A 496 -15.49 3.94 -5.82
C CYS A 496 -16.30 5.23 -6.06
N ASN A 497 -16.24 5.80 -7.27
CA ASN A 497 -16.89 7.06 -7.55
C ASN A 497 -17.56 7.04 -8.94
N PRO A 498 -18.55 6.15 -9.12
CA PRO A 498 -19.19 6.03 -10.44
C PRO A 498 -19.85 7.32 -10.96
N GLY A 499 -20.39 8.12 -10.05
CA GLY A 499 -20.98 9.42 -10.41
C GLY A 499 -20.00 10.37 -11.07
N LEU A 500 -18.78 10.45 -10.54
CA LEU A 500 -17.75 11.28 -11.15
C LEU A 500 -17.29 10.68 -12.47
N ALA A 501 -17.06 9.36 -12.49
CA ALA A 501 -16.64 8.69 -13.72
C ALA A 501 -17.63 8.96 -14.86
N GLU A 502 -18.93 9.00 -14.53
CA GLU A 502 -19.97 9.14 -15.51
C GLU A 502 -20.03 10.54 -16.12
N ILE A 503 -19.96 11.57 -15.27
CA ILE A 503 -20.02 12.95 -15.77
C ILE A 503 -18.78 13.30 -16.60
N ILE A 504 -17.65 12.67 -16.28
CA ILE A 504 -16.46 12.81 -17.13
C ILE A 504 -16.71 12.12 -18.48
N ALA A 505 -17.18 10.88 -18.42
CA ALA A 505 -17.46 10.09 -19.63
C ALA A 505 -18.49 10.77 -20.57
N GLU A 506 -19.46 11.47 -19.99
CA GLU A 506 -20.46 12.21 -20.79
C GLU A 506 -19.80 13.24 -21.70
N ARG A 507 -18.72 13.84 -21.23
CA ARG A 507 -17.98 14.86 -21.99
C ARG A 507 -16.89 14.30 -22.90
N ILE A 508 -16.06 13.38 -22.38
CA ILE A 508 -14.85 12.95 -23.11
C ILE A 508 -14.79 11.45 -23.46
N GLY A 509 -15.89 10.73 -23.25
CA GLY A 509 -15.95 9.32 -23.57
C GLY A 509 -15.28 8.47 -22.49
N GLU A 510 -15.17 7.19 -22.79
CA GLU A 510 -14.69 6.19 -21.83
C GLU A 510 -13.21 5.82 -21.94
N GLU A 511 -12.48 6.28 -22.96
CA GLU A 511 -11.09 5.87 -23.16
C GLU A 511 -10.15 6.24 -22.03
N TYR A 512 -10.48 7.30 -21.29
CA TYR A 512 -9.64 7.75 -20.18
C TYR A 512 -9.41 6.71 -19.07
N ILE A 513 -10.33 5.75 -18.94
CA ILE A 513 -10.22 4.72 -17.90
C ILE A 513 -8.95 3.87 -18.06
N SER A 514 -8.46 3.71 -19.29
CA SER A 514 -7.20 3.01 -19.52
C SER A 514 -6.14 3.92 -20.16
N ASP A 515 -6.39 5.23 -20.14
CA ASP A 515 -5.46 6.20 -20.69
C ASP A 515 -5.76 7.52 -19.97
N LEU A 516 -5.34 7.60 -18.71
CA LEU A 516 -5.78 8.64 -17.80
C LEU A 516 -5.33 10.06 -18.16
N ASP A 517 -4.30 10.16 -19.00
CA ASP A 517 -3.84 11.44 -19.55
C ASP A 517 -4.92 12.18 -20.32
N GLN A 518 -5.92 11.45 -20.81
CA GLN A 518 -7.05 12.07 -21.49
C GLN A 518 -7.88 13.00 -20.61
N LEU A 519 -7.77 12.86 -19.28
CA LEU A 519 -8.41 13.81 -18.35
C LEU A 519 -8.00 15.28 -18.58
N ARG A 520 -6.83 15.53 -19.19
CA ARG A 520 -6.43 16.91 -19.60
C ARG A 520 -7.47 17.62 -20.46
N LYS A 521 -8.22 16.85 -21.27
CA LYS A 521 -9.34 17.39 -22.04
C LYS A 521 -10.37 18.13 -21.18
N LEU A 522 -10.45 17.79 -19.88
CA LEU A 522 -11.37 18.50 -18.97
C LEU A 522 -11.00 19.95 -18.67
N LEU A 523 -9.78 20.38 -18.96
CA LEU A 523 -9.41 21.79 -18.84
C LEU A 523 -10.27 22.70 -19.74
N SER A 524 -10.81 22.14 -20.83
CA SER A 524 -11.75 22.84 -21.71
C SER A 524 -13.12 23.12 -21.08
N TYR A 525 -13.40 22.53 -19.92
CA TYR A 525 -14.70 22.65 -19.25
C TYR A 525 -14.62 23.40 -17.94
N VAL A 526 -13.50 24.06 -17.70
CA VAL A 526 -13.29 24.78 -16.45
C VAL A 526 -14.21 26.01 -16.27
N ASP A 527 -14.68 26.59 -17.39
CA ASP A 527 -15.64 27.71 -17.38
C ASP A 527 -17.06 27.29 -17.77
N ASP A 528 -17.33 25.98 -17.85
CA ASP A 528 -18.61 25.46 -18.33
C ASP A 528 -19.52 25.35 -17.10
N GLU A 529 -20.59 26.16 -17.06
CA GLU A 529 -21.48 26.20 -15.88
C GLU A 529 -22.14 24.85 -15.56
N ALA A 530 -22.50 24.09 -16.60
CA ALA A 530 -23.11 22.78 -16.40
C ALA A 530 -22.12 21.80 -15.76
N PHE A 531 -20.89 21.77 -16.29
CA PHE A 531 -19.86 20.88 -15.74
C PHE A 531 -19.51 21.25 -14.29
N ILE A 532 -19.31 22.54 -14.02
CA ILE A 532 -19.11 23.04 -12.63
C ILE A 532 -20.23 22.55 -11.71
N ARG A 533 -21.48 22.74 -12.12
CA ARG A 533 -22.62 22.26 -11.33
C ARG A 533 -22.58 20.73 -11.10
N ASP A 534 -22.25 19.98 -12.15
CA ASP A 534 -22.25 18.52 -12.06
C ASP A 534 -21.13 18.00 -11.15
N VAL A 535 -19.96 18.62 -11.23
CA VAL A 535 -18.85 18.24 -10.34
C VAL A 535 -19.21 18.45 -8.85
N ALA A 536 -19.78 19.62 -8.55
CA ALA A 536 -20.19 19.95 -7.19
C ALA A 536 -21.36 19.06 -6.72
N LYS A 537 -22.26 18.71 -7.63
CA LYS A 537 -23.40 17.84 -7.31
C LYS A 537 -22.92 16.42 -6.91
N VAL A 538 -21.99 15.87 -7.68
CA VAL A 538 -21.42 14.55 -7.37
C VAL A 538 -20.75 14.55 -5.98
N LYS A 539 -19.93 15.56 -5.71
CA LYS A 539 -19.30 15.67 -4.38
C LYS A 539 -20.36 15.71 -3.27
N GLN A 540 -21.40 16.52 -3.47
CA GLN A 540 -22.46 16.64 -2.49
C GLN A 540 -23.17 15.30 -2.25
N GLU A 541 -23.51 14.60 -3.32
CA GLU A 541 -24.08 13.23 -3.20
C GLU A 541 -23.18 12.27 -2.43
N ASN A 542 -21.88 12.31 -2.72
CA ASN A 542 -20.92 11.45 -2.03
C ASN A 542 -20.85 11.78 -0.53
N LYS A 543 -20.91 13.07 -0.20
CA LYS A 543 -20.89 13.51 1.19
C LYS A 543 -22.14 13.06 1.95
N LEU A 544 -23.31 13.20 1.34
CA LEU A 544 -24.58 12.74 1.95
C LEU A 544 -24.55 11.24 2.21
N LYS A 545 -24.09 10.48 1.22
CA LYS A 545 -23.97 9.03 1.31
C LYS A 545 -23.02 8.63 2.44
N PHE A 546 -21.89 9.32 2.55
CA PHE A 546 -20.95 9.02 3.62
C PHE A 546 -21.50 9.42 5.01
N ALA A 547 -22.16 10.56 5.10
CA ALA A 547 -22.77 10.99 6.37
C ALA A 547 -23.83 9.99 6.87
N ALA A 548 -24.58 9.41 5.94
CA ALA A 548 -25.57 8.37 6.26
C ALA A 548 -24.92 7.05 6.67
N TYR A 549 -23.80 6.72 6.01
CA TYR A 549 -23.00 5.54 6.40
C TYR A 549 -22.53 5.67 7.84
N LEU A 550 -22.06 6.86 8.21
CA LEU A 550 -21.58 7.11 9.56
C LEU A 550 -22.67 6.97 10.61
N GLU A 551 -23.84 7.54 10.33
CA GLU A 551 -24.97 7.47 11.27
C GLU A 551 -25.43 6.03 11.53
N ARG A 552 -25.61 5.24 10.47
CA ARG A 552 -26.12 3.86 10.63
C ARG A 552 -25.10 2.88 11.24
N GLU A 553 -23.89 2.81 10.70
CA GLU A 553 -22.85 1.87 11.21
C GLU A 553 -22.15 2.32 12.50
N TYR A 554 -22.14 3.64 12.80
CA TYR A 554 -21.40 4.16 13.98
C TYR A 554 -22.13 5.19 14.85
N LYS A 555 -23.44 5.36 14.69
CA LYS A 555 -24.25 6.22 15.60
C LYS A 555 -23.73 7.66 15.75
N VAL A 556 -23.10 8.20 14.71
CA VAL A 556 -22.51 9.54 14.75
C VAL A 556 -23.20 10.44 13.70
N HIS A 557 -23.60 11.65 14.12
CA HIS A 557 -24.23 12.64 13.23
C HIS A 557 -23.27 13.77 12.85
N ILE A 558 -23.20 14.06 11.55
CA ILE A 558 -22.38 15.15 11.00
C ILE A 558 -23.17 16.08 10.09
N ASN A 559 -22.65 17.30 9.95
CA ASN A 559 -23.21 18.32 9.08
C ASN A 559 -22.64 18.14 7.65
N PRO A 560 -23.46 17.61 6.70
CA PRO A 560 -22.90 17.36 5.36
C PRO A 560 -22.69 18.63 4.50
N ASN A 561 -23.08 19.81 4.98
CA ASN A 561 -22.70 21.09 4.37
C ASN A 561 -21.33 21.59 4.79
N SER A 562 -20.72 20.94 5.78
CA SER A 562 -19.43 21.39 6.29
C SER A 562 -18.30 20.93 5.36
N LEU A 563 -17.15 21.56 5.50
CA LEU A 563 -15.98 21.16 4.75
C LEU A 563 -15.48 19.84 5.38
N PHE A 564 -15.35 18.80 4.54
CA PHE A 564 -14.87 17.50 5.00
C PHE A 564 -13.34 17.47 4.86
N ASP A 565 -12.68 17.59 6.00
CA ASP A 565 -11.23 17.73 6.16
C ASP A 565 -10.69 16.37 6.64
N VAL A 566 -9.93 15.68 5.80
CA VAL A 566 -9.71 14.23 5.97
C VAL A 566 -8.23 13.91 5.97
N GLN A 567 -7.78 13.20 7.01
CA GLN A 567 -6.42 12.66 7.08
C GLN A 567 -6.54 11.17 7.39
N VAL A 568 -6.38 10.33 6.38
CA VAL A 568 -6.46 8.87 6.56
C VAL A 568 -5.19 8.24 6.00
N LYS A 569 -4.54 7.46 6.86
CA LYS A 569 -3.22 6.84 6.61
C LYS A 569 -2.82 6.21 7.93
N ARG A 570 -1.80 5.36 7.88
CA ARG A 570 -1.30 4.76 9.12
C ARG A 570 -0.82 5.83 10.11
N ILE A 571 -0.96 5.56 11.39
CA ILE A 571 -0.57 6.52 12.43
C ILE A 571 0.95 6.38 12.61
N HIS A 572 1.67 7.49 12.39
CA HIS A 572 3.13 7.51 12.54
C HIS A 572 3.56 8.95 12.88
N GLU A 573 4.59 9.11 13.71
CA GLU A 573 5.05 10.47 14.00
C GLU A 573 5.45 11.26 12.73
N TYR A 574 6.05 10.62 11.74
CA TYR A 574 6.49 11.33 10.52
C TYR A 574 5.33 11.88 9.70
N LYS A 575 4.16 11.25 9.76
CA LYS A 575 2.98 11.70 9.02
C LYS A 575 2.26 12.89 9.69
N ARG A 576 2.59 13.15 10.95
CA ARG A 576 2.22 14.37 11.67
C ARG A 576 0.69 14.57 11.83
N GLN A 577 -0.03 13.49 12.13
CA GLN A 577 -1.37 13.62 12.68
C GLN A 577 -1.38 14.63 13.85
N LEU A 578 -0.29 14.68 14.62
CA LEU A 578 -0.17 15.68 15.69
C LEU A 578 -0.24 17.13 15.23
N LEU A 579 0.32 17.45 14.07
CA LEU A 579 0.19 18.81 13.53
C LEU A 579 -1.29 19.15 13.25
N ASN A 580 -2.00 18.19 12.65
CA ASN A 580 -3.46 18.33 12.44
C ASN A 580 -4.18 18.57 13.79
N CYS A 581 -3.87 17.77 14.81
CA CYS A 581 -4.45 17.98 16.16
C CYS A 581 -4.23 19.39 16.70
N LEU A 582 -3.05 19.94 16.48
CA LEU A 582 -2.78 21.30 16.96
C LEU A 582 -3.64 22.34 16.23
N HIS A 583 -3.88 22.12 14.93
CA HIS A 583 -4.76 23.01 14.16
C HIS A 583 -6.20 22.89 14.66
N VAL A 584 -6.66 21.67 14.90
CA VAL A 584 -8.02 21.47 15.42
C VAL A 584 -8.22 22.19 16.76
N ILE A 585 -7.28 22.04 17.68
CA ILE A 585 -7.38 22.75 18.96
C ILE A 585 -7.34 24.28 18.78
N THR A 586 -6.53 24.76 17.85
CA THR A 586 -6.44 26.18 17.52
C THR A 586 -7.83 26.72 17.09
N LEU A 587 -8.51 25.99 16.22
CA LEU A 587 -9.83 26.38 15.75
C LEU A 587 -10.85 26.38 16.91
N TYR A 588 -10.82 25.34 17.74
CA TYR A 588 -11.64 25.29 18.96
C TYR A 588 -11.44 26.53 19.84
N ASN A 589 -10.18 26.83 20.12
CA ASN A 589 -9.83 27.96 21.00
C ASN A 589 -10.24 29.32 20.43
N ARG A 590 -10.08 29.49 19.12
CA ARG A 590 -10.59 30.70 18.43
C ARG A 590 -12.11 30.85 18.49
N ILE A 591 -12.84 29.74 18.34
CA ILE A 591 -14.32 29.79 18.49
C ILE A 591 -14.70 30.18 19.93
N LYS A 592 -14.06 29.55 20.92
CA LYS A 592 -14.34 29.85 22.32
C LYS A 592 -14.02 31.30 22.68
N LYS A 593 -13.02 31.88 22.04
CA LYS A 593 -12.62 33.26 22.26
C LYS A 593 -13.62 34.25 21.65
N GLU A 594 -14.14 33.96 20.45
CA GLU A 594 -15.10 34.83 19.74
C GLU A 594 -16.25 33.98 19.21
N PRO A 595 -17.16 33.58 20.12
CA PRO A 595 -18.14 32.56 19.76
C PRO A 595 -19.16 33.04 18.72
N ASN A 596 -19.38 34.35 18.63
CA ASN A 596 -20.42 34.87 17.73
C ASN A 596 -19.88 35.32 16.37
N LYS A 597 -18.61 35.03 16.06
CA LYS A 597 -18.05 35.27 14.74
C LYS A 597 -18.30 34.07 13.81
N PHE A 598 -18.59 34.36 12.53
CA PHE A 598 -18.74 33.31 11.53
C PHE A 598 -17.40 32.62 11.28
N VAL A 599 -17.43 31.30 11.22
CA VAL A 599 -16.30 30.49 10.72
C VAL A 599 -16.87 29.43 9.79
N VAL A 600 -16.11 29.06 8.77
CA VAL A 600 -16.50 28.02 7.86
C VAL A 600 -16.59 26.69 8.63
N PRO A 601 -17.78 26.04 8.64
CA PRO A 601 -17.91 24.78 9.37
C PRO A 601 -17.05 23.67 8.80
N ARG A 602 -16.45 22.86 9.68
CA ARG A 602 -15.63 21.71 9.28
C ARG A 602 -16.01 20.46 10.01
N THR A 603 -15.91 19.35 9.31
CA THR A 603 -15.86 18.03 9.91
C THR A 603 -14.46 17.52 9.66
N VAL A 604 -13.70 17.39 10.75
CA VAL A 604 -12.32 16.94 10.68
C VAL A 604 -12.34 15.44 10.99
N MET A 605 -11.93 14.64 10.02
CA MET A 605 -11.91 13.21 10.15
C MET A 605 -10.49 12.71 10.06
N ILE A 606 -10.07 11.93 11.07
CA ILE A 606 -8.75 11.33 11.10
C ILE A 606 -8.93 9.84 11.33
N GLY A 607 -8.26 9.03 10.54
CA GLY A 607 -8.28 7.59 10.77
C GLY A 607 -6.99 6.92 10.38
N GLY A 608 -6.78 5.72 10.93
CA GLY A 608 -5.61 4.94 10.65
C GLY A 608 -5.28 4.03 11.80
N LYS A 609 -4.58 2.94 11.49
CA LYS A 609 -4.13 1.99 12.50
C LYS A 609 -2.73 2.33 13.00
N ALA A 610 -2.51 2.08 14.28
CA ALA A 610 -1.20 2.14 14.91
C ALA A 610 -0.65 0.71 15.02
N ALA A 611 0.64 0.53 14.77
CA ALA A 611 1.28 -0.75 15.05
C ALA A 611 1.11 -1.06 16.55
N PRO A 612 0.76 -2.33 16.91
CA PRO A 612 0.51 -2.65 18.32
C PRO A 612 1.60 -2.30 19.31
N GLY A 613 2.88 -2.39 18.93
CA GLY A 613 3.97 -2.04 19.86
C GLY A 613 4.39 -0.58 19.91
N TYR A 614 3.73 0.29 19.16
CA TYR A 614 4.19 1.66 18.94
C TYR A 614 3.40 2.55 19.87
N HIS A 615 3.96 2.75 21.06
CA HIS A 615 3.30 3.46 22.15
C HIS A 615 2.84 4.88 21.77
N MET A 616 3.72 5.67 21.18
CA MET A 616 3.40 7.06 20.85
C MET A 616 2.23 7.13 19.85
N ALA A 617 2.22 6.22 18.88
CA ALA A 617 1.12 6.13 17.91
C ALA A 617 -0.21 5.83 18.60
N LYS A 618 -0.17 4.96 19.60
CA LYS A 618 -1.37 4.66 20.38
C LYS A 618 -1.83 5.85 21.22
N MET A 619 -0.88 6.61 21.75
CA MET A 619 -1.19 7.84 22.48
C MET A 619 -1.84 8.92 21.57
N ILE A 620 -1.39 8.99 20.34
CA ILE A 620 -1.95 9.95 19.36
C ILE A 620 -3.42 9.66 19.07
N ILE A 621 -3.76 8.38 18.90
CA ILE A 621 -5.15 7.98 18.72
C ILE A 621 -5.97 8.43 19.91
N LYS A 622 -5.48 8.16 21.12
CA LYS A 622 -6.16 8.58 22.34
C LYS A 622 -6.35 10.11 22.39
N LEU A 623 -5.33 10.87 22.01
CA LEU A 623 -5.45 12.33 21.96
C LEU A 623 -6.55 12.77 20.99
N ILE A 624 -6.61 12.15 19.81
CA ILE A 624 -7.61 12.54 18.82
C ILE A 624 -9.02 12.30 19.35
N THR A 625 -9.26 11.13 19.94
CA THR A 625 -10.58 10.86 20.50
C THR A 625 -10.90 11.78 21.70
N ALA A 626 -9.86 12.13 22.49
CA ALA A 626 -10.05 13.03 23.64
C ALA A 626 -10.42 14.47 23.21
N ILE A 627 -9.83 14.92 22.13
CA ILE A 627 -10.21 16.21 21.53
C ILE A 627 -11.68 16.18 21.06
N GLY A 628 -12.06 15.12 20.34
CA GLY A 628 -13.46 14.90 19.95
C GLY A 628 -14.44 14.92 21.12
N ASP A 629 -14.08 14.26 22.20
CA ASP A 629 -14.88 14.26 23.44
C ASP A 629 -15.19 15.66 23.96
N VAL A 630 -14.23 16.58 23.90
CA VAL A 630 -14.44 17.96 24.31
C VAL A 630 -15.17 18.77 23.23
N VAL A 631 -14.66 18.74 22.00
CA VAL A 631 -15.18 19.60 20.93
C VAL A 631 -16.62 19.26 20.55
N ASN A 632 -16.91 17.98 20.44
CA ASN A 632 -18.20 17.53 19.91
C ASN A 632 -19.34 17.74 20.89
N HIS A 633 -19.05 18.00 22.17
CA HIS A 633 -20.07 18.17 23.20
C HIS A 633 -20.14 19.58 23.80
N ASP A 634 -19.36 20.51 23.25
CA ASP A 634 -19.38 21.91 23.66
C ASP A 634 -20.55 22.62 22.94
N PRO A 635 -21.57 23.08 23.70
CA PRO A 635 -22.75 23.67 23.03
C PRO A 635 -22.45 24.98 22.30
N VAL A 636 -21.39 25.69 22.68
CA VAL A 636 -21.03 26.94 22.02
C VAL A 636 -20.48 26.71 20.61
N VAL A 637 -19.84 25.57 20.40
CA VAL A 637 -19.29 25.22 19.10
C VAL A 637 -20.39 24.90 18.11
N GLY A 638 -21.41 24.17 18.55
CA GLY A 638 -22.57 23.87 17.70
C GLY A 638 -22.16 22.83 16.69
N ASP A 639 -22.66 22.95 15.46
CA ASP A 639 -22.18 22.11 14.36
C ASP A 639 -21.11 22.82 13.52
N ARG A 640 -20.43 23.81 14.10
CA ARG A 640 -19.35 24.50 13.39
C ARG A 640 -18.03 23.70 13.32
N LEU A 641 -17.83 22.80 14.27
CA LEU A 641 -16.60 21.97 14.30
C LEU A 641 -16.95 20.60 14.90
N ARG A 642 -16.61 19.54 14.17
CA ARG A 642 -16.75 18.16 14.64
C ARG A 642 -15.43 17.45 14.38
N VAL A 643 -15.01 16.62 15.33
CA VAL A 643 -13.76 15.85 15.21
C VAL A 643 -14.13 14.36 15.37
N ILE A 644 -13.87 13.56 14.32
CA ILE A 644 -14.31 12.16 14.25
C ILE A 644 -13.09 11.30 14.01
N PHE A 645 -12.88 10.28 14.84
CA PHE A 645 -11.88 9.29 14.55
C PHE A 645 -12.53 8.15 13.76
N LEU A 646 -12.09 7.91 12.53
CA LEU A 646 -12.64 6.86 11.69
C LEU A 646 -12.01 5.51 12.01
N GLU A 647 -12.80 4.62 12.57
CA GLU A 647 -12.32 3.37 13.11
C GLU A 647 -12.06 2.37 11.98
N ASN A 648 -11.03 1.55 12.13
CA ASN A 648 -10.73 0.44 11.23
C ASN A 648 -10.51 0.84 9.75
N TYR A 649 -9.70 1.88 9.55
CA TYR A 649 -9.36 2.33 8.22
C TYR A 649 -8.65 1.21 7.46
N ARG A 650 -9.16 0.93 6.28
CA ARG A 650 -8.77 -0.20 5.44
C ARG A 650 -9.20 0.13 4.04
N VAL A 651 -8.91 -0.74 3.07
CA VAL A 651 -9.17 -0.40 1.65
C VAL A 651 -10.68 -0.14 1.41
N SER A 652 -11.59 -0.96 1.96
CA SER A 652 -13.03 -0.75 1.77
CA SER A 652 -13.01 -0.74 1.74
C SER A 652 -13.52 0.58 2.35
N LEU A 653 -12.94 1.01 3.47
CA LEU A 653 -13.30 2.32 4.03
C LEU A 653 -12.74 3.48 3.19
N ALA A 654 -11.52 3.34 2.68
CA ALA A 654 -10.96 4.33 1.75
C ALA A 654 -11.85 4.57 0.52
N GLU A 655 -12.42 3.50 -0.02
CA GLU A 655 -13.34 3.61 -1.15
C GLU A 655 -14.59 4.43 -0.83
N LYS A 656 -14.98 4.51 0.43
CA LYS A 656 -16.15 5.28 0.85
C LYS A 656 -15.80 6.74 1.20
N VAL A 657 -14.75 6.93 1.98
CA VAL A 657 -14.42 8.29 2.46
C VAL A 657 -13.70 9.18 1.45
N ILE A 658 -12.84 8.61 0.62
CA ILE A 658 -12.08 9.42 -0.33
C ILE A 658 -12.98 10.18 -1.32
N PRO A 659 -13.98 9.50 -1.93
CA PRO A 659 -14.95 10.28 -2.77
C PRO A 659 -15.72 11.37 -2.05
N ALA A 660 -15.83 11.28 -0.72
CA ALA A 660 -16.57 12.27 0.08
C ALA A 660 -15.72 13.45 0.55
N ALA A 661 -14.41 13.41 0.38
CA ALA A 661 -13.53 14.41 0.99
C ALA A 661 -13.49 15.74 0.21
N ASP A 662 -13.40 16.85 0.94
CA ASP A 662 -13.10 18.15 0.34
C ASP A 662 -11.63 18.51 0.40
N LEU A 663 -10.99 18.21 1.53
CA LEU A 663 -9.61 18.60 1.78
C LEU A 663 -8.83 17.36 2.18
N SER A 664 -7.73 17.15 1.46
CA SER A 664 -6.80 16.06 1.69
C SER A 664 -5.55 16.53 2.44
N GLU A 665 -5.29 15.94 3.59
CA GLU A 665 -4.19 16.35 4.48
C GLU A 665 -2.98 15.47 4.20
N GLN A 666 -1.92 16.08 3.66
CA GLN A 666 -0.72 15.36 3.25
C GLN A 666 0.49 16.11 3.80
N ILE A 667 0.74 15.96 5.09
CA ILE A 667 1.48 16.96 5.87
C ILE A 667 2.70 16.39 6.59
N SER A 668 3.28 15.35 6.01
CA SER A 668 4.54 14.79 6.48
C SER A 668 5.66 15.85 6.45
N THR A 669 6.60 15.72 7.37
CA THR A 669 7.79 16.56 7.34
C THR A 669 8.54 16.34 6.03
N ALA A 670 8.94 17.44 5.37
CA ALA A 670 9.63 17.30 4.07
C ALA A 670 10.82 16.34 4.21
N GLY A 671 10.91 15.40 3.28
CA GLY A 671 11.99 14.39 3.25
C GLY A 671 11.64 13.02 3.83
N THR A 672 10.41 12.82 4.34
CA THR A 672 10.06 11.60 5.07
C THR A 672 9.09 10.66 4.39
N GLU A 673 8.10 11.19 3.65
CA GLU A 673 7.15 10.35 2.94
C GLU A 673 7.74 10.08 1.56
N ALA A 674 8.21 8.85 1.30
CA ALA A 674 8.94 8.56 0.06
C ALA A 674 8.12 8.97 -1.16
N SER A 675 6.83 8.65 -1.16
CA SER A 675 5.94 9.09 -2.22
C SER A 675 4.58 9.50 -1.66
N GLY A 676 3.90 8.56 -1.00
CA GLY A 676 2.50 8.68 -0.72
C GLY A 676 1.73 8.18 -1.94
N THR A 677 0.58 7.58 -1.69
CA THR A 677 -0.37 7.23 -2.74
C THR A 677 -1.80 7.65 -2.39
N GLY A 678 -2.13 7.74 -1.10
CA GLY A 678 -3.40 8.34 -0.69
C GLY A 678 -3.59 9.70 -1.31
N ASN A 679 -2.50 10.49 -1.33
CA ASN A 679 -2.52 11.82 -1.94
C ASN A 679 -3.15 11.82 -3.35
N MET A 680 -2.74 10.83 -4.15
CA MET A 680 -3.19 10.68 -5.53
C MET A 680 -4.65 10.28 -5.62
N LYS A 681 -5.09 9.40 -4.72
CA LYS A 681 -6.49 8.97 -4.67
C LYS A 681 -7.41 10.16 -4.42
N PHE A 682 -7.02 11.05 -3.51
CA PHE A 682 -7.81 12.24 -3.20
C PHE A 682 -7.88 13.20 -4.38
N MET A 683 -6.75 13.38 -5.08
CA MET A 683 -6.69 14.29 -6.23
C MET A 683 -7.63 13.85 -7.37
N LEU A 684 -7.67 12.55 -7.60
CA LEU A 684 -8.52 11.96 -8.64
C LEU A 684 -10.03 12.10 -8.34
N ASN A 685 -10.37 12.22 -7.05
CA ASN A 685 -11.75 12.16 -6.59
C ASN A 685 -12.31 13.53 -6.15
N GLY A 686 -11.61 14.61 -6.46
CA GLY A 686 -12.21 15.95 -6.35
C GLY A 686 -12.05 16.61 -4.99
N ALA A 687 -10.99 16.22 -4.28
CA ALA A 687 -10.54 16.95 -3.10
C ALA A 687 -9.36 17.85 -3.48
N LEU A 688 -9.25 18.98 -2.79
CA LEU A 688 -8.04 19.82 -2.87
C LEU A 688 -7.08 19.35 -1.79
N THR A 689 -5.81 19.64 -1.98
CA THR A 689 -4.75 19.15 -1.13
C THR A 689 -4.08 20.27 -0.36
N ILE A 690 -3.93 20.06 0.95
CA ILE A 690 -3.06 20.86 1.81
C ILE A 690 -1.87 20.00 2.16
N GLY A 691 -0.68 20.47 1.83
CA GLY A 691 0.47 19.62 1.98
C GLY A 691 1.80 20.31 1.92
N THR A 692 2.79 19.59 2.42
CA THR A 692 4.19 19.94 2.30
C THR A 692 4.77 19.46 0.98
N MET A 693 5.93 20.02 0.64
CA MET A 693 6.64 19.65 -0.58
C MET A 693 7.44 18.38 -0.27
N ASP A 694 6.70 17.29 -0.18
CA ASP A 694 7.27 15.99 0.16
C ASP A 694 6.74 14.92 -0.79
N GLY A 695 7.56 13.91 -1.05
CA GLY A 695 7.15 12.78 -1.88
C GLY A 695 6.55 13.21 -3.19
N ALA A 696 5.47 12.54 -3.59
CA ALA A 696 4.80 12.85 -4.84
C ALA A 696 4.00 14.15 -4.82
N ASN A 697 3.76 14.74 -3.64
CA ASN A 697 3.08 16.03 -3.54
C ASN A 697 3.77 17.04 -4.45
N VAL A 698 5.11 17.00 -4.50
CA VAL A 698 5.89 17.88 -5.36
C VAL A 698 5.45 17.80 -6.82
N GLU A 699 5.30 16.57 -7.30
CA GLU A 699 4.93 16.33 -8.68
C GLU A 699 3.48 16.62 -8.94
N MET A 700 2.62 16.36 -7.95
CA MET A 700 1.20 16.70 -8.08
C MET A 700 1.03 18.23 -8.27
N ALA A 701 1.72 19.01 -7.44
CA ALA A 701 1.69 20.48 -7.55
C ALA A 701 2.25 20.96 -8.88
N GLU A 702 3.29 20.31 -9.36
CA GLU A 702 3.88 20.63 -10.65
C GLU A 702 2.88 20.40 -11.79
N GLU A 703 2.17 19.29 -11.73
CA GLU A 703 1.18 18.97 -12.76
C GLU A 703 -0.02 19.92 -12.71
N ALA A 704 -0.55 20.20 -11.52
CA ALA A 704 -1.76 21.01 -11.41
C ALA A 704 -1.50 22.51 -11.50
N GLY A 705 -0.26 22.94 -11.19
CA GLY A 705 0.07 24.32 -10.92
C GLY A 705 0.03 24.59 -9.43
N GLU A 706 1.08 25.21 -8.90
CA GLU A 706 1.18 25.58 -7.47
C GLU A 706 0.05 26.47 -6.97
N GLU A 707 -0.49 27.28 -7.86
CA GLU A 707 -1.67 28.10 -7.57
C GLU A 707 -2.94 27.29 -7.28
N ASN A 708 -2.97 26.00 -7.66
CA ASN A 708 -4.11 25.13 -7.46
C ASN A 708 -3.90 24.08 -6.36
N PHE A 709 -2.87 24.32 -5.55
CA PHE A 709 -2.48 23.49 -4.41
C PHE A 709 -2.26 24.36 -3.18
N PHE A 710 -2.54 23.83 -2.01
CA PHE A 710 -2.30 24.55 -0.76
C PHE A 710 -0.97 24.06 -0.17
N ILE A 711 0.12 24.64 -0.66
CA ILE A 711 1.47 24.23 -0.24
C ILE A 711 1.89 25.08 0.94
N PHE A 712 2.50 24.45 1.93
CA PHE A 712 3.06 25.18 3.05
C PHE A 712 4.29 24.47 3.63
N GLY A 713 5.01 25.21 4.46
CA GLY A 713 5.97 24.60 5.35
C GLY A 713 7.37 24.50 4.81
N MET A 714 8.24 23.97 5.65
CA MET A 714 9.65 23.77 5.32
C MET A 714 9.78 22.84 4.10
N ARG A 715 10.67 23.23 3.19
CA ARG A 715 11.19 22.34 2.17
C ARG A 715 12.31 21.48 2.77
N VAL A 716 12.73 20.45 2.04
CA VAL A 716 13.85 19.56 2.48
C VAL A 716 15.09 20.36 2.92
N GLU A 717 15.45 21.37 2.12
CA GLU A 717 16.62 22.25 2.40
C GLU A 717 16.48 23.01 3.72
N ASP A 718 15.25 23.44 4.04
CA ASP A 718 14.98 24.16 5.29
C ASP A 718 15.10 23.23 6.48
N VAL A 719 14.66 21.98 6.33
CA VAL A 719 14.79 21.00 7.38
C VAL A 719 16.30 20.76 7.67
N ASP A 720 17.08 20.59 6.61
CA ASP A 720 18.55 20.44 6.72
C ASP A 720 19.20 21.59 7.45
N ARG A 721 18.82 22.82 7.11
CA ARG A 721 19.38 24.03 7.75
C ARG A 721 19.05 24.08 9.24
N LEU A 722 17.82 23.71 9.59
CA LEU A 722 17.41 23.64 11.00
C LEU A 722 18.17 22.54 11.77
N ASP A 723 18.39 21.39 11.13
CA ASP A 723 19.20 20.31 11.75
C ASP A 723 20.64 20.74 12.01
N GLN A 724 21.21 21.53 11.09
CA GLN A 724 22.60 22.00 11.25
C GLN A 724 22.76 22.91 12.45
N ARG A 725 21.86 23.87 12.66
CA ARG A 725 21.99 24.70 13.85
C ARG A 725 21.33 24.11 15.11
N GLY A 726 20.45 23.11 14.96
CA GLY A 726 19.82 22.42 16.09
C GLY A 726 18.37 22.87 16.30
N TYR A 727 17.46 21.92 16.30
CA TYR A 727 16.04 22.23 16.49
C TYR A 727 15.73 22.47 17.97
N ASN A 728 15.22 23.66 18.28
CA ASN A 728 14.83 24.00 19.63
C ASN A 728 13.35 24.37 19.63
N ALA A 729 12.53 23.40 20.03
CA ALA A 729 11.07 23.57 20.09
C ALA A 729 10.65 24.70 21.04
N GLN A 730 11.42 24.94 22.10
CA GLN A 730 11.13 25.98 23.08
C GLN A 730 11.00 27.38 22.44
N GLU A 731 11.81 27.64 21.42
CA GLU A 731 11.74 28.91 20.71
C GLU A 731 10.36 29.21 20.11
N TYR A 732 9.71 28.18 19.56
CA TYR A 732 8.38 28.33 18.97
C TYR A 732 7.33 28.51 20.06
N TYR A 733 7.43 27.72 21.12
CA TYR A 733 6.60 27.87 22.33
C TYR A 733 6.66 29.29 22.90
N ASP A 734 7.87 29.85 23.00
CA ASP A 734 8.08 31.18 23.53
C ASP A 734 7.51 32.30 22.65
N ARG A 735 7.46 32.09 21.33
CA ARG A 735 7.12 33.16 20.38
C ARG A 735 5.70 33.14 19.86
N ILE A 736 4.99 32.02 20.01
CA ILE A 736 3.64 31.88 19.44
C ILE A 736 2.66 31.64 20.59
N PRO A 737 1.95 32.71 21.02
CA PRO A 737 0.99 32.59 22.14
C PRO A 737 -0.08 31.51 21.95
N GLU A 738 -0.62 31.38 20.75
CA GLU A 738 -1.64 30.37 20.47
C GLU A 738 -1.11 28.96 20.65
N LEU A 739 0.16 28.74 20.33
CA LEU A 739 0.80 27.45 20.53
C LEU A 739 1.05 27.14 22.01
N ARG A 740 1.52 28.13 22.75
CA ARG A 740 1.70 28.01 24.19
C ARG A 740 0.40 27.66 24.92
N GLN A 741 -0.71 28.28 24.52
CA GLN A 741 -2.01 27.98 25.13
C GLN A 741 -2.37 26.49 24.96
N ILE A 742 -2.09 25.93 23.79
CA ILE A 742 -2.43 24.52 23.51
C ILE A 742 -1.58 23.58 24.38
N ILE A 743 -0.29 23.85 24.49
CA ILE A 743 0.60 23.04 25.29
C ILE A 743 0.19 23.08 26.77
N GLU A 744 -0.17 24.26 27.26
CA GLU A 744 -0.67 24.39 28.62
C GLU A 744 -1.98 23.63 28.86
N GLN A 745 -2.89 23.64 27.87
CA GLN A 745 -4.12 22.83 27.94
C GLN A 745 -3.81 21.33 28.00
N LEU A 746 -2.91 20.84 27.14
CA LEU A 746 -2.51 19.42 27.14
C LEU A 746 -1.91 18.98 28.48
N SER A 747 -0.98 19.80 28.99
CA SER A 747 -0.26 19.53 30.25
C SER A 747 -1.13 19.57 31.46
N SER A 748 -2.11 20.48 31.48
CA SER A 748 -2.92 20.75 32.67
CA SER A 748 -2.92 20.74 32.67
C SER A 748 -4.09 19.79 32.83
N GLY A 749 -4.37 18.98 31.81
CA GLY A 749 -5.47 18.02 31.86
C GLY A 749 -6.81 18.51 31.32
N PHE A 750 -6.79 19.59 30.51
CA PHE A 750 -7.99 20.13 29.89
C PHE A 750 -8.71 19.07 29.05
N PHE A 751 -7.95 18.26 28.32
CA PHE A 751 -8.49 17.17 27.48
C PHE A 751 -8.52 15.80 28.16
N SER A 752 -8.19 15.75 29.44
CA SER A 752 -8.19 14.49 30.20
C SER A 752 -8.48 14.80 31.69
N PRO A 753 -9.67 15.36 32.00
CA PRO A 753 -9.90 15.88 33.35
C PRO A 753 -9.80 14.83 34.46
N LYS A 754 -10.15 13.59 34.16
CA LYS A 754 -10.04 12.51 35.14
C LYS A 754 -8.59 12.05 35.33
N GLN A 755 -7.74 12.19 34.30
CA GLN A 755 -6.33 11.77 34.35
C GLN A 755 -5.44 12.92 33.85
N PRO A 756 -5.19 13.94 34.71
CA PRO A 756 -4.55 15.18 34.26
C PRO A 756 -3.19 15.06 33.55
N ASP A 757 -2.40 14.05 33.89
CA ASP A 757 -1.08 13.88 33.28
C ASP A 757 -1.09 12.87 32.10
N LEU A 758 -2.26 12.53 31.57
CA LEU A 758 -2.36 11.48 30.58
C LEU A 758 -1.49 11.73 29.36
N PHE A 759 -1.37 12.98 28.94
CA PHE A 759 -0.67 13.32 27.72
C PHE A 759 0.73 13.86 27.92
N LYS A 760 1.32 13.62 29.10
CA LYS A 760 2.63 14.23 29.37
C LYS A 760 3.73 13.68 28.47
N ASP A 761 3.64 12.43 28.02
CA ASP A 761 4.64 11.88 27.09
C ASP A 761 4.58 12.59 25.74
N ILE A 762 3.38 12.97 25.30
CA ILE A 762 3.22 13.71 24.03
C ILE A 762 3.86 15.09 24.15
N VAL A 763 3.52 15.79 25.24
CA VAL A 763 4.08 17.13 25.51
C VAL A 763 5.61 17.08 25.58
N ASN A 764 6.12 16.10 26.31
CA ASN A 764 7.56 15.95 26.47
C ASN A 764 8.28 15.70 25.15
N MET A 765 7.71 14.83 24.32
CA MET A 765 8.25 14.56 23.00
C MET A 765 8.24 15.85 22.15
N LEU A 766 7.11 16.55 22.09
CA LEU A 766 7.03 17.79 21.28
C LEU A 766 8.05 18.86 21.70
N MET A 767 8.22 19.02 23.02
CA MET A 767 9.11 20.04 23.58
C MET A 767 10.59 19.69 23.55
N HIS A 768 10.94 18.41 23.65
CA HIS A 768 12.35 18.00 23.80
C HIS A 768 12.91 16.97 22.83
N HIS A 769 12.08 16.16 22.18
CA HIS A 769 12.61 15.01 21.40
C HIS A 769 11.86 14.81 20.10
N ASP A 770 11.49 15.90 19.43
CA ASP A 770 10.64 15.79 18.25
C ASP A 770 11.54 15.73 17.01
N ARG A 771 11.69 14.52 16.45
CA ARG A 771 12.46 14.31 15.23
C ARG A 771 11.79 14.91 13.99
N PHE A 772 10.49 15.19 14.07
CA PHE A 772 9.73 15.62 12.90
C PHE A 772 9.23 17.07 12.90
N LYS A 773 9.68 17.84 13.89
CA LYS A 773 9.61 19.30 13.86
C LYS A 773 8.18 19.86 13.68
N VAL A 774 7.26 19.33 14.47
CA VAL A 774 5.85 19.71 14.42
C VAL A 774 5.70 21.21 14.63
N PHE A 775 6.37 21.77 15.63
CA PHE A 775 6.20 23.19 15.91
C PHE A 775 6.73 24.09 14.79
N ALA A 776 7.78 23.65 14.10
CA ALA A 776 8.41 24.47 13.05
C ALA A 776 7.49 24.76 11.86
N ASP A 777 6.50 23.90 11.61
CA ASP A 777 5.54 24.14 10.53
C ASP A 777 4.16 24.64 11.01
N TYR A 778 4.01 24.89 12.31
CA TYR A 778 2.68 25.22 12.88
C TYR A 778 2.11 26.52 12.35
N GLU A 779 2.89 27.59 12.43
CA GLU A 779 2.41 28.89 11.96
C GLU A 779 1.99 28.90 10.50
N GLU A 780 2.85 28.37 9.62
CA GLU A 780 2.52 28.33 8.18
C GLU A 780 1.31 27.46 7.87
N TYR A 781 1.16 26.36 8.62
CA TYR A 781 0.04 25.45 8.44
C TYR A 781 -1.28 26.12 8.79
N VAL A 782 -1.33 26.79 9.93
CA VAL A 782 -2.53 27.50 10.35
C VAL A 782 -2.92 28.59 9.36
N LYS A 783 -1.96 29.40 8.92
CA LYS A 783 -2.22 30.44 7.91
C LYS A 783 -2.73 29.85 6.60
N CYS A 784 -2.13 28.76 6.16
CA CYS A 784 -2.56 28.09 4.94
C CYS A 784 -4.00 27.52 5.06
N GLN A 785 -4.30 26.91 6.20
CA GLN A 785 -5.68 26.48 6.52
C GLN A 785 -6.72 27.64 6.46
N GLU A 786 -6.33 28.85 6.85
CA GLU A 786 -7.20 30.02 6.72
C GLU A 786 -7.51 30.32 5.27
N ARG A 787 -6.52 30.13 4.38
CA ARG A 787 -6.74 30.31 2.94
C ARG A 787 -7.69 29.25 2.36
N VAL A 788 -7.62 28.02 2.88
CA VAL A 788 -8.53 26.95 2.48
C VAL A 788 -9.95 27.36 2.79
N SER A 789 -10.15 27.82 4.04
CA SER A 789 -11.47 28.26 4.50
C SER A 789 -12.02 29.41 3.65
N ALA A 790 -11.16 30.36 3.32
CA ALA A 790 -11.55 31.49 2.48
C ALA A 790 -12.05 31.03 1.12
N LEU A 791 -11.35 30.08 0.51
CA LEU A 791 -11.77 29.58 -0.80
C LEU A 791 -13.07 28.77 -0.73
N TYR A 792 -13.26 28.01 0.35
CA TYR A 792 -14.45 27.18 0.48
C TYR A 792 -15.75 28.00 0.53
N LYS A 793 -15.67 29.22 1.06
CA LYS A 793 -16.77 30.21 1.01
C LYS A 793 -17.23 30.63 -0.39
N ASN A 794 -16.40 30.40 -1.41
CA ASN A 794 -16.74 30.71 -2.78
C ASN A 794 -16.85 29.39 -3.58
N PRO A 795 -18.02 28.73 -3.53
CA PRO A 795 -18.11 27.37 -4.08
C PRO A 795 -17.79 27.26 -5.57
N ARG A 796 -18.12 28.29 -6.35
CA ARG A 796 -17.81 28.26 -7.77
C ARG A 796 -16.29 28.17 -8.01
N GLU A 797 -15.51 28.96 -7.29
CA GLU A 797 -14.07 28.98 -7.45
C GLU A 797 -13.38 27.76 -6.82
N TRP A 798 -13.92 27.28 -5.70
CA TRP A 798 -13.48 26.01 -5.15
C TRP A 798 -13.61 24.91 -6.21
N THR A 799 -14.79 24.80 -6.83
CA THR A 799 -15.03 23.76 -7.82
C THR A 799 -14.16 23.92 -9.08
N ARG A 800 -13.91 25.16 -9.49
CA ARG A 800 -13.02 25.40 -10.63
C ARG A 800 -11.61 24.89 -10.34
N MET A 801 -11.12 25.13 -9.13
CA MET A 801 -9.81 24.63 -8.72
C MET A 801 -9.77 23.09 -8.69
N VAL A 802 -10.84 22.50 -8.16
CA VAL A 802 -11.01 21.04 -8.18
C VAL A 802 -10.89 20.51 -9.61
N ILE A 803 -11.59 21.14 -10.56
CA ILE A 803 -11.53 20.68 -11.96
C ILE A 803 -10.09 20.69 -12.47
N ARG A 804 -9.33 21.71 -12.10
CA ARG A 804 -7.93 21.82 -12.51
C ARG A 804 -7.06 20.71 -11.91
N ASN A 805 -7.42 20.24 -10.72
CA ASN A 805 -6.72 19.09 -10.10
C ASN A 805 -7.07 17.76 -10.78
N ILE A 806 -8.36 17.49 -10.96
CA ILE A 806 -8.79 16.22 -11.55
C ILE A 806 -8.21 16.12 -12.95
N ALA A 807 -8.31 17.23 -13.69
CA ALA A 807 -7.85 17.29 -15.09
C ALA A 807 -6.35 17.00 -15.30
N THR A 808 -5.54 17.24 -14.27
CA THR A 808 -4.08 17.05 -14.36
C THR A 808 -3.61 15.85 -13.53
N SER A 809 -4.53 14.98 -13.13
CA SER A 809 -4.15 13.83 -12.29
C SER A 809 -3.66 12.64 -13.12
N GLY A 810 -3.71 12.74 -14.46
CA GLY A 810 -3.37 11.63 -15.36
C GLY A 810 -2.02 10.98 -15.16
N LYS A 811 -1.00 11.80 -14.84
CA LYS A 811 0.35 11.28 -14.58
C LYS A 811 0.37 10.18 -13.47
N PHE A 812 -0.59 10.24 -12.57
CA PHE A 812 -0.57 9.39 -11.38
C PHE A 812 -1.34 8.09 -11.52
N SER A 813 -1.65 7.73 -12.77
CA SER A 813 -2.10 6.37 -13.09
C SER A 813 -0.96 5.37 -12.95
N SER A 814 -1.23 4.26 -12.27
CA SER A 814 -0.27 3.18 -12.19
C SER A 814 0.00 2.55 -13.55
N ASP A 815 -0.88 2.77 -14.55
CA ASP A 815 -0.58 2.34 -15.92
C ASP A 815 0.64 3.06 -16.49
N ARG A 816 0.79 4.35 -16.16
CA ARG A 816 1.98 5.11 -16.54
C ARG A 816 3.21 4.54 -15.82
N THR A 817 3.11 4.37 -14.50
CA THR A 817 4.20 3.81 -13.70
C THR A 817 4.68 2.47 -14.30
N ILE A 818 3.74 1.55 -14.52
CA ILE A 818 4.08 0.21 -15.02
C ILE A 818 4.66 0.23 -16.43
N ALA A 819 4.17 1.10 -17.30
CA ALA A 819 4.77 1.24 -18.61
C ALA A 819 6.25 1.66 -18.51
N GLN A 820 6.58 2.51 -17.53
CA GLN A 820 7.97 2.92 -17.32
C GLN A 820 8.82 1.80 -16.78
N TYR A 821 8.34 1.04 -15.78
CA TYR A 821 9.06 -0.15 -15.33
C TYR A 821 9.34 -1.11 -16.51
N ALA A 822 8.29 -1.35 -17.30
CA ALA A 822 8.38 -2.28 -18.43
C ALA A 822 9.45 -1.90 -19.45
N ARG A 823 9.44 -0.64 -19.88
CA ARG A 823 10.39 -0.18 -20.88
C ARG A 823 11.80 0.05 -20.34
N GLU A 824 11.91 0.57 -19.12
CA GLU A 824 13.20 1.09 -18.60
C GLU A 824 13.93 0.10 -17.69
N ILE A 825 13.21 -0.87 -17.13
CA ILE A 825 13.80 -1.86 -16.24
C ILE A 825 13.66 -3.28 -16.77
N TRP A 826 12.45 -3.71 -17.12
CA TRP A 826 12.18 -5.10 -17.47
C TRP A 826 12.46 -5.46 -18.92
N GLY A 827 12.51 -4.47 -19.80
CA GLY A 827 12.81 -4.71 -21.22
C GLY A 827 11.68 -5.38 -21.98
N VAL A 828 10.43 -5.01 -21.68
CA VAL A 828 9.26 -5.56 -22.36
C VAL A 828 8.34 -4.41 -22.78
N GLU A 829 7.55 -4.65 -23.82
CA GLU A 829 6.67 -3.63 -24.37
C GLU A 829 5.22 -3.87 -23.88
N PRO A 830 4.59 -2.85 -23.25
CA PRO A 830 3.17 -2.98 -22.93
C PRO A 830 2.27 -3.12 -24.20
N SER A 831 1.11 -3.74 -24.04
CA SER A 831 0.13 -3.90 -25.11
C SER A 831 -1.28 -3.57 -24.58
N ARG A 832 -2.04 -2.79 -25.35
CA ARG A 832 -3.46 -2.55 -25.03
C ARG A 832 -4.39 -3.47 -25.85
N GLN A 833 -3.81 -4.38 -26.65
CA GLN A 833 -4.60 -5.31 -27.45
C GLN A 833 -5.35 -6.37 -26.63
N ARG A 834 -6.55 -6.69 -27.10
CA ARG A 834 -7.47 -7.64 -26.48
C ARG A 834 -7.08 -9.03 -26.91
N LEU A 835 -7.10 -9.98 -25.95
CA LEU A 835 -7.13 -11.41 -26.29
C LEU A 835 -8.57 -11.74 -26.71
N PRO A 836 -8.76 -12.82 -27.52
CA PRO A 836 -10.12 -13.25 -27.91
C PRO A 836 -11.02 -13.61 -26.71
N ALA A 837 -12.31 -13.28 -26.82
CA ALA A 837 -13.22 -13.23 -25.66
C ALA A 837 -13.59 -14.59 -25.10
N1 PLP B . -3.89 2.49 3.63
C2 PLP B . -4.93 2.25 2.81
C2A PLP B . -6.07 1.36 3.24
C3 PLP B . -4.92 2.78 1.45
O3 PLP B . -5.92 2.53 0.57
C4 PLP B . -3.80 3.65 1.05
C4A PLP B . -3.70 4.26 -0.31
C5 PLP B . -2.72 3.85 2.03
C6 PLP B . -2.85 3.26 3.30
C5A PLP B . -1.54 4.75 1.73
O4P PLP B . -1.92 6.08 2.11
P PLP B . -0.75 7.19 2.34
O1P PLP B . -1.59 8.41 2.67
O2P PLP B . 0.06 6.65 3.46
O3P PLP B . 0.00 7.27 1.03
O5' CKW C . 5.66 2.79 0.56
C5' CKW C . 4.71 3.50 -0.26
C4' CKW C . 5.05 5.01 -0.28
C3' CKW C . 5.16 5.56 1.13
C2' CKW C . 6.09 4.70 1.98
C1' CKW C . 5.65 3.23 1.92
C1 CKW C . 6.58 2.35 2.70
O2' CKW C . 6.08 5.14 3.34
O3' CKW C . 5.66 6.90 1.09
O4' CKW C . 4.04 5.72 -1.01
C6' CKW C . 4.73 2.84 -1.62
O6' CKW C . 5.89 3.18 -2.37
N5 CKW C . 6.20 1.29 3.47
C4 CKW C . 7.32 0.74 3.99
N3 CKW C . 8.37 1.43 3.59
N2 CKW C . 7.91 2.45 2.78
C6 CKW C . 7.35 -0.43 4.88
C7 CKW C . 8.52 -0.76 5.55
C8 CKW C . 8.55 -1.86 6.39
C9 CKW C . 7.43 -2.69 6.58
C10 CKW C . 6.27 -2.33 5.89
C11 CKW C . 6.23 -1.23 5.05
C12 CKW C . 7.50 -3.88 7.47
C13 CKW C . 8.70 -4.32 8.02
C14 CKW C . 8.77 -5.44 8.84
C15 CKW C . 7.63 -6.15 9.11
C16 CKW C . 6.43 -5.77 8.57
C17 CKW C . 6.35 -4.64 7.75
#